data_1GVI
#
_entry.id   1GVI
#
_cell.length_a   119.090
_cell.length_b   119.090
_cell.length_c   270.200
_cell.angle_alpha   90.00
_cell.angle_beta   90.00
_cell.angle_gamma   120.00
#
_symmetry.space_group_name_H-M   'P 61'
#
loop_
_entity.id
_entity.type
_entity.pdbx_description
1 polymer 'MALTOGENIC AMYLASE'
2 branched Cycloheptakis-(1-4)-(alpha-D-glucopyranose)
#
_entity_poly.entity_id   1
_entity_poly.type   'polypeptide(L)'
_entity_poly.pdbx_seq_one_letter_code
;MRKEAIHHRSTDNFAYAYDSETLHLRLQTKKNDVDHVELLFGDPYEWHDGAWQFQTMPMRKTGSDGLFDYWLAEVKPPYR
RLRYGFVLRAGGEKLVYTEKGFYHEAPSDDTAYYFCFPFLHRVDLFQAPDWVKDTVWYQIFPERFANGNPAISPKGARPW
GSEDPTPTSFFGGDLQGIIDHLDYLADLGITGIYLTPIFRAPSNHKYDTADYFEIDPHFGDKETLKTLVKRCHEKGIRVM
LDAVFNHCGYEFAPFQDVLKNGAASRYKDWFHIREFPLQTEPRPNYDTFAFVPHMPKLNTAHPEVKRYLLDVATYWIREF
DIDGWRLDVANEIDHQFWREFRQAVKALKPDVYILGLIWHDAMPWLRGDQFDAVMNYPLADAALRFFAKEDMSASEFADR
LMHVLHSYPKQVNEAAFNLLGSHDTPRLLTVCGGDVRKVKLLFLFQLTFTGSPCIYYGDEIGMTGGNDPECRKCMVWDPE
KQNKELYEHVKQLIALRKQYRALRRGDVAFLTADDEVNHLVYAKTDGNETVMIIINRSNEAAEIPMPIDARGKWLVNLLT
GERFAAEAETLCVSLPPYGFVLYAVESW
;
_entity_poly.pdbx_strand_id   A,B
#
loop_
_chem_comp.id
_chem_comp.type
_chem_comp.name
_chem_comp.formula
GLC D-saccharide, alpha linking alpha-D-glucopyranose 'C6 H12 O6'
#
# COMPACT_ATOMS: atom_id res chain seq x y z
N MET A 1 -12.69 3.71 -27.30
CA MET A 1 -11.76 4.04 -26.18
C MET A 1 -11.79 2.93 -25.13
N ARG A 2 -10.91 1.93 -25.31
CA ARG A 2 -10.79 0.76 -24.41
C ARG A 2 -10.67 1.14 -22.94
N LYS A 3 -11.61 0.67 -22.14
CA LYS A 3 -11.63 0.97 -20.72
C LYS A 3 -10.82 -0.01 -19.88
N GLU A 4 -10.69 -1.25 -20.35
CA GLU A 4 -9.95 -2.25 -19.60
C GLU A 4 -8.56 -1.76 -19.23
N ALA A 5 -8.06 -0.75 -19.97
CA ALA A 5 -6.72 -0.19 -19.74
C ALA A 5 -6.66 1.12 -18.95
N ILE A 6 -7.81 1.76 -18.74
CA ILE A 6 -7.86 3.00 -17.98
C ILE A 6 -7.83 2.60 -16.50
N HIS A 7 -6.89 3.14 -15.74
CA HIS A 7 -6.77 2.77 -14.33
C HIS A 7 -6.09 3.79 -13.42
N HIS A 8 -6.60 3.85 -12.19
CA HIS A 8 -6.09 4.74 -11.16
C HIS A 8 -6.73 4.33 -9.86
N ARG A 9 -5.95 4.47 -8.78
CA ARG A 9 -6.40 4.21 -7.41
C ARG A 9 -5.77 5.36 -6.66
N SER A 10 -6.32 5.74 -5.51
CA SER A 10 -5.73 6.84 -4.78
C SER A 10 -4.79 6.25 -3.72
N THR A 11 -3.61 5.85 -4.18
CA THR A 11 -2.60 5.25 -3.33
C THR A 11 -1.31 5.01 -4.13
N ASP A 12 -0.23 4.70 -3.42
CA ASP A 12 1.06 4.44 -4.04
C ASP A 12 1.36 5.27 -5.27
N ASN A 13 1.98 4.65 -6.27
CA ASN A 13 2.38 5.34 -7.48
C ASN A 13 1.32 6.06 -8.33
N PHE A 14 0.08 6.10 -7.87
CA PHE A 14 -0.98 6.77 -8.64
C PHE A 14 -1.48 8.08 -8.02
N ALA A 15 -1.39 8.15 -6.70
CA ALA A 15 -1.82 9.33 -5.95
C ALA A 15 -0.99 9.44 -4.69
N TYR A 16 -0.23 10.51 -4.58
CA TYR A 16 0.61 10.67 -3.42
C TYR A 16 0.98 12.14 -3.28
N ALA A 17 1.60 12.46 -2.15
CA ALA A 17 2.04 13.81 -1.92
C ALA A 17 3.53 13.87 -2.21
N TYR A 18 3.90 14.76 -3.13
CA TYR A 18 5.30 14.98 -3.53
C TYR A 18 6.01 15.77 -2.44
N ASP A 19 5.43 16.91 -2.09
CA ASP A 19 5.97 17.74 -1.04
C ASP A 19 4.82 18.02 -0.10
N SER A 20 5.10 18.70 1.01
CA SER A 20 4.10 19.00 2.02
C SER A 20 3.04 20.00 1.57
N GLU A 21 2.85 20.11 0.25
CA GLU A 21 1.88 21.07 -0.27
C GLU A 21 1.32 20.70 -1.63
N THR A 22 2.03 19.85 -2.37
CA THR A 22 1.61 19.42 -3.70
C THR A 22 1.30 17.93 -3.83
N LEU A 23 0.15 17.63 -4.44
CA LEU A 23 -0.28 16.25 -4.66
C LEU A 23 0.05 15.86 -6.09
N HIS A 24 0.34 14.58 -6.30
CA HIS A 24 0.63 14.03 -7.63
C HIS A 24 -0.41 12.96 -7.99
N LEU A 25 -1.09 13.14 -9.12
CA LEU A 25 -2.08 12.18 -9.55
C LEU A 25 -1.76 11.62 -10.93
N ARG A 26 -1.41 10.33 -10.97
CA ARG A 26 -1.07 9.64 -12.20
C ARG A 26 -2.23 8.79 -12.70
N LEU A 27 -2.58 8.93 -13.99
CA LEU A 27 -3.65 8.15 -14.60
C LEU A 27 -3.06 7.23 -15.66
N GLN A 28 -3.58 6.01 -15.75
CA GLN A 28 -3.09 5.04 -16.72
C GLN A 28 -4.10 4.80 -17.85
N THR A 29 -3.62 4.88 -19.09
CA THR A 29 -4.45 4.67 -20.28
C THR A 29 -3.67 3.87 -21.33
N LYS A 30 -4.34 3.40 -22.38
CA LYS A 30 -3.66 2.62 -23.40
C LYS A 30 -2.77 3.52 -24.27
N LYS A 31 -1.81 2.93 -24.98
CA LYS A 31 -0.91 3.70 -25.85
C LYS A 31 -1.65 4.41 -26.98
N ASN A 32 -1.69 5.73 -26.92
CA ASN A 32 -2.35 6.51 -27.96
C ASN A 32 -3.83 6.20 -28.11
N ASP A 33 -4.44 5.74 -27.03
CA ASP A 33 -5.84 5.41 -27.07
C ASP A 33 -6.62 6.70 -26.82
N VAL A 34 -6.10 7.56 -25.97
CA VAL A 34 -6.78 8.81 -25.66
C VAL A 34 -6.01 10.06 -26.08
N ASP A 35 -6.70 10.99 -26.73
CA ASP A 35 -6.08 12.24 -27.19
C ASP A 35 -5.62 13.12 -26.05
N HIS A 36 -6.59 13.59 -25.25
CA HIS A 36 -6.31 14.44 -24.10
C HIS A 36 -7.01 13.90 -22.87
N VAL A 37 -6.66 14.45 -21.71
CA VAL A 37 -7.30 14.04 -20.47
C VAL A 37 -7.12 15.13 -19.42
N GLU A 38 -8.24 15.54 -18.81
CA GLU A 38 -8.23 16.59 -17.81
C GLU A 38 -8.57 16.10 -16.42
N LEU A 39 -7.98 16.78 -15.43
CA LEU A 39 -8.20 16.47 -14.04
C LEU A 39 -9.33 17.36 -13.57
N LEU A 40 -10.42 16.73 -13.19
CA LEU A 40 -11.61 17.41 -12.69
C LEU A 40 -11.43 17.35 -11.17
N PHE A 41 -11.50 18.48 -10.49
CA PHE A 41 -11.29 18.46 -9.05
C PHE A 41 -11.93 19.55 -8.23
N GLY A 42 -11.62 19.53 -6.93
CA GLY A 42 -12.15 20.51 -6.01
C GLY A 42 -12.13 20.03 -4.56
N ASP A 43 -12.26 20.97 -3.63
CA ASP A 43 -12.27 20.63 -2.22
C ASP A 43 -13.57 19.93 -1.90
N PRO A 44 -13.48 18.79 -1.23
CA PRO A 44 -14.62 17.96 -0.83
C PRO A 44 -15.86 18.66 -0.28
N TYR A 45 -15.69 19.78 0.42
CA TYR A 45 -16.84 20.45 0.99
C TYR A 45 -17.28 21.75 0.31
N GLU A 46 -16.64 22.10 -0.79
CA GLU A 46 -16.99 23.30 -1.52
C GLU A 46 -18.31 23.07 -2.28
N TRP A 47 -19.42 23.37 -1.62
CA TRP A 47 -20.74 23.17 -2.21
C TRP A 47 -21.44 24.50 -2.53
N HIS A 48 -22.40 24.46 -3.45
CA HIS A 48 -23.15 25.67 -3.85
C HIS A 48 -24.34 25.31 -4.75
N ASP A 49 -25.47 25.98 -4.53
CA ASP A 49 -26.68 25.73 -5.32
C ASP A 49 -27.07 24.26 -5.24
N GLY A 50 -26.64 23.61 -4.17
CA GLY A 50 -26.95 22.20 -3.97
C GLY A 50 -26.12 21.28 -4.85
N ALA A 51 -25.16 21.86 -5.57
CA ALA A 51 -24.29 21.09 -6.45
C ALA A 51 -22.83 21.40 -6.17
N TRP A 52 -22.03 20.35 -5.97
CA TRP A 52 -20.60 20.46 -5.69
C TRP A 52 -19.81 21.35 -6.66
N GLN A 53 -19.33 22.48 -6.17
CA GLN A 53 -18.56 23.42 -6.99
C GLN A 53 -17.21 22.81 -7.32
N PHE A 54 -16.82 22.80 -8.59
CA PHE A 54 -15.52 22.25 -8.97
C PHE A 54 -14.90 22.89 -10.20
N GLN A 55 -13.57 22.85 -10.29
CA GLN A 55 -12.86 23.40 -11.44
C GLN A 55 -12.09 22.27 -12.12
N THR A 56 -11.45 22.57 -13.25
CA THR A 56 -10.74 21.53 -13.98
C THR A 56 -9.50 21.92 -14.80
N MET A 57 -8.33 21.40 -14.42
CA MET A 57 -7.10 21.67 -15.14
C MET A 57 -6.79 20.42 -15.99
N PRO A 58 -5.86 20.53 -16.93
CA PRO A 58 -5.49 19.39 -17.80
C PRO A 58 -4.16 18.70 -17.47
N MET A 59 -4.16 17.37 -17.53
CA MET A 59 -2.96 16.59 -17.24
C MET A 59 -2.09 16.39 -18.49
N ARG A 60 -0.77 16.32 -18.29
CA ARG A 60 0.14 16.12 -19.41
C ARG A 60 0.53 14.66 -19.53
N LYS A 61 1.03 14.27 -20.70
CA LYS A 61 1.45 12.90 -20.94
C LYS A 61 2.90 12.83 -20.54
N THR A 62 3.22 12.01 -19.55
CA THR A 62 4.59 11.92 -19.07
C THR A 62 5.36 10.70 -19.51
N GLY A 63 4.95 10.06 -20.57
CA GLY A 63 5.68 8.89 -21.04
C GLY A 63 4.82 7.66 -21.11
N SER A 64 5.34 6.60 -21.74
CA SER A 64 4.59 5.37 -21.88
C SER A 64 5.47 4.17 -22.13
N ASP A 65 5.07 3.02 -21.61
CA ASP A 65 5.83 1.81 -21.81
C ASP A 65 5.39 1.16 -23.11
N GLY A 66 5.36 -0.17 -23.14
CA GLY A 66 4.96 -0.85 -24.36
C GLY A 66 3.47 -1.14 -24.45
N LEU A 67 2.69 -0.61 -23.49
CA LEU A 67 1.25 -0.84 -23.46
C LEU A 67 0.50 0.42 -23.07
N PHE A 68 0.87 0.99 -21.93
CA PHE A 68 0.19 2.16 -21.39
C PHE A 68 0.86 3.50 -21.61
N ASP A 69 0.06 4.55 -21.43
CA ASP A 69 0.51 5.92 -21.52
C ASP A 69 0.28 6.35 -20.07
N TYR A 70 1.04 7.33 -19.60
CA TYR A 70 0.88 7.78 -18.23
C TYR A 70 0.63 9.26 -18.16
N TRP A 71 -0.35 9.66 -17.36
CA TRP A 71 -0.69 11.07 -17.21
C TRP A 71 -0.49 11.56 -15.79
N LEU A 72 0.20 12.68 -15.68
CA LEU A 72 0.48 13.27 -14.39
C LEU A 72 -0.31 14.55 -14.20
N ALA A 73 -0.60 14.86 -12.94
CA ALA A 73 -1.32 16.09 -12.60
C ALA A 73 -0.74 16.57 -11.29
N GLU A 74 -0.21 17.77 -11.29
CA GLU A 74 0.37 18.36 -10.10
C GLU A 74 -0.63 19.36 -9.56
N VAL A 75 -1.16 19.12 -8.36
CA VAL A 75 -2.12 20.04 -7.79
C VAL A 75 -1.91 20.29 -6.30
N LYS A 76 -2.35 21.47 -5.84
CA LYS A 76 -2.23 21.87 -4.44
C LYS A 76 -3.62 22.13 -3.87
N PRO A 77 -4.15 21.18 -3.07
CA PRO A 77 -5.49 21.38 -2.49
C PRO A 77 -5.58 22.68 -1.73
N PRO A 78 -6.53 23.55 -2.11
CA PRO A 78 -6.69 24.83 -1.44
C PRO A 78 -6.72 24.62 0.06
N TYR A 79 -7.56 23.69 0.50
CA TYR A 79 -7.71 23.38 1.90
C TYR A 79 -7.19 22.00 2.29
N ARG A 80 -5.94 21.73 1.94
CA ARG A 80 -5.26 20.47 2.24
C ARG A 80 -6.00 19.17 1.96
N ARG A 81 -7.21 19.23 1.39
CA ARG A 81 -7.96 17.99 1.10
C ARG A 81 -8.69 18.11 -0.24
N LEU A 82 -8.87 16.98 -0.93
CA LEU A 82 -9.53 16.99 -2.25
C LEU A 82 -10.16 15.69 -2.81
N ARG A 83 -11.22 15.88 -3.61
CA ARG A 83 -11.96 14.82 -4.31
C ARG A 83 -11.59 15.04 -5.77
N TYR A 84 -11.58 13.99 -6.58
CA TYR A 84 -11.18 14.18 -7.96
C TYR A 84 -11.61 13.09 -8.93
N GLY A 85 -11.84 13.50 -10.17
CA GLY A 85 -12.24 12.58 -11.22
C GLY A 85 -11.47 12.90 -12.48
N PHE A 86 -11.50 11.99 -13.46
CA PHE A 86 -10.78 12.22 -14.71
C PHE A 86 -11.72 12.34 -15.90
N VAL A 87 -11.37 13.24 -16.81
CA VAL A 87 -12.18 13.47 -18.00
C VAL A 87 -11.31 13.23 -19.20
N LEU A 88 -11.61 12.20 -19.98
CA LEU A 88 -10.79 11.91 -21.16
C LEU A 88 -11.49 11.95 -22.51
N ARG A 89 -11.20 13.03 -23.22
CA ARG A 89 -11.73 13.26 -24.56
C ARG A 89 -10.79 12.58 -25.56
N ALA A 90 -11.26 11.51 -26.19
CA ALA A 90 -10.46 10.82 -27.17
C ALA A 90 -11.30 10.77 -28.46
N GLY A 91 -11.00 11.66 -29.39
CA GLY A 91 -11.76 11.72 -30.63
C GLY A 91 -13.08 12.38 -30.35
N GLY A 92 -14.17 11.77 -30.81
CA GLY A 92 -15.49 12.35 -30.57
C GLY A 92 -16.09 11.88 -29.25
N GLU A 93 -15.53 10.77 -28.74
CA GLU A 93 -15.96 10.17 -27.50
C GLU A 93 -15.43 11.02 -26.33
N LYS A 94 -16.17 11.03 -25.23
CA LYS A 94 -15.79 11.80 -24.04
C LYS A 94 -16.25 11.07 -22.77
N LEU A 95 -15.30 10.60 -21.97
CA LEU A 95 -15.62 9.89 -20.74
C LEU A 95 -15.17 10.60 -19.47
N VAL A 96 -15.78 10.18 -18.37
CA VAL A 96 -15.45 10.71 -17.05
C VAL A 96 -15.25 9.50 -16.16
N TYR A 97 -13.98 9.22 -15.87
CA TYR A 97 -13.59 8.09 -15.06
C TYR A 97 -13.62 8.48 -13.60
N THR A 98 -14.38 7.72 -12.82
CA THR A 98 -14.50 7.99 -11.39
C THR A 98 -14.35 6.70 -10.64
N GLU A 99 -14.15 6.79 -9.34
CA GLU A 99 -13.97 5.60 -8.52
C GLU A 99 -15.19 4.70 -8.67
N LYS A 100 -16.36 5.33 -8.85
CA LYS A 100 -17.61 4.60 -8.98
C LYS A 100 -17.84 4.02 -10.39
N GLY A 101 -17.07 4.49 -11.38
CA GLY A 101 -17.22 3.98 -12.74
C GLY A 101 -16.94 5.02 -13.82
N PHE A 102 -17.52 4.80 -15.00
CA PHE A 102 -17.39 5.70 -16.16
C PHE A 102 -18.74 6.34 -16.43
N TYR A 103 -18.78 7.65 -16.55
CA TYR A 103 -20.04 8.35 -16.79
C TYR A 103 -19.90 9.31 -17.97
N HIS A 104 -20.90 9.34 -18.86
CA HIS A 104 -20.84 10.21 -20.04
C HIS A 104 -20.85 11.68 -19.67
N GLU A 105 -21.12 11.96 -18.41
CA GLU A 105 -21.13 13.33 -17.92
C GLU A 105 -20.75 13.39 -16.46
N ALA A 106 -20.17 14.52 -16.05
CA ALA A 106 -19.73 14.72 -14.69
C ALA A 106 -20.84 14.80 -13.66
N PRO A 107 -21.03 13.76 -12.84
CA PRO A 107 -22.09 13.82 -11.83
C PRO A 107 -21.75 14.97 -10.88
N SER A 108 -22.76 15.65 -10.33
CA SER A 108 -22.46 16.76 -9.43
C SER A 108 -23.34 16.82 -8.18
N ASP A 109 -24.31 15.94 -8.08
CA ASP A 109 -25.19 15.92 -6.92
C ASP A 109 -24.48 15.37 -5.69
N ASP A 110 -23.43 14.58 -5.90
CA ASP A 110 -22.70 13.98 -4.79
C ASP A 110 -21.20 13.81 -5.09
N THR A 111 -20.36 13.90 -4.06
CA THR A 111 -18.92 13.73 -4.22
C THR A 111 -18.56 12.23 -4.27
N ALA A 112 -19.38 11.41 -3.62
CA ALA A 112 -19.16 9.96 -3.55
C ALA A 112 -18.67 9.28 -4.84
N TYR A 113 -19.06 9.83 -5.99
CA TYR A 113 -18.66 9.27 -7.28
C TYR A 113 -17.15 9.28 -7.50
N TYR A 114 -16.51 10.34 -7.03
CA TYR A 114 -15.08 10.56 -7.21
C TYR A 114 -14.09 9.96 -6.23
N PHE A 115 -12.86 9.81 -6.72
CA PHE A 115 -11.76 9.29 -5.93
C PHE A 115 -11.54 10.37 -4.90
N CYS A 116 -10.86 10.03 -3.81
CA CYS A 116 -10.60 11.02 -2.78
C CYS A 116 -9.26 10.90 -2.09
N PHE A 117 -8.58 12.04 -1.96
CA PHE A 117 -7.33 12.07 -1.24
C PHE A 117 -7.66 12.96 -0.05
N PRO A 118 -8.10 12.33 1.07
CA PRO A 118 -8.50 12.91 2.34
C PRO A 118 -7.75 14.17 2.70
N PHE A 119 -6.82 14.04 3.62
CA PHE A 119 -6.03 15.18 4.04
C PHE A 119 -4.59 14.93 3.63
N LEU A 120 -3.93 15.98 3.18
CA LEU A 120 -2.54 15.87 2.79
C LEU A 120 -1.76 16.16 4.05
N HIS A 121 -1.31 15.10 4.71
CA HIS A 121 -0.55 15.25 5.93
C HIS A 121 0.93 15.31 5.62
N ARG A 122 1.66 16.09 6.41
CA ARG A 122 3.09 16.29 6.24
C ARG A 122 3.88 15.14 6.85
N VAL A 123 3.30 14.53 7.86
CA VAL A 123 3.94 13.42 8.55
C VAL A 123 3.91 12.14 7.72
N ASP A 124 2.82 11.91 6.99
CA ASP A 124 2.70 10.72 6.16
C ASP A 124 3.61 10.88 4.95
N LEU A 125 3.94 12.12 4.67
CA LEU A 125 4.80 12.49 3.54
C LEU A 125 6.04 11.63 3.43
N PHE A 126 6.46 11.38 2.19
CA PHE A 126 7.65 10.58 1.91
C PHE A 126 8.81 11.53 1.64
N GLN A 127 9.83 11.51 2.52
CA GLN A 127 11.00 12.37 2.32
C GLN A 127 12.30 11.65 2.63
N ALA A 128 13.13 11.43 1.61
CA ALA A 128 14.40 10.78 1.85
C ALA A 128 15.47 11.88 1.90
N PRO A 129 16.57 11.63 2.60
CA PRO A 129 17.69 12.58 2.74
C PRO A 129 18.02 13.30 1.44
N ASP A 130 17.81 14.61 1.44
CA ASP A 130 18.06 15.42 0.26
C ASP A 130 19.44 15.26 -0.40
N TRP A 131 20.47 15.00 0.40
CA TRP A 131 21.83 14.86 -0.15
C TRP A 131 22.12 13.66 -1.05
N VAL A 132 21.59 12.50 -0.71
CA VAL A 132 21.85 11.33 -1.54
C VAL A 132 21.49 11.62 -2.97
N LYS A 133 20.56 12.54 -3.18
CA LYS A 133 20.13 12.91 -4.53
C LYS A 133 21.31 13.51 -5.31
N ASP A 134 22.35 13.92 -4.61
CA ASP A 134 23.48 14.54 -5.28
C ASP A 134 24.80 13.77 -5.19
N THR A 135 24.85 12.71 -4.41
CA THR A 135 26.10 11.97 -4.26
C THR A 135 26.32 10.88 -5.31
N VAL A 136 27.57 10.45 -5.43
CA VAL A 136 27.98 9.39 -6.36
C VAL A 136 28.67 8.35 -5.50
N TRP A 137 28.04 7.19 -5.36
CA TRP A 137 28.60 6.12 -4.53
C TRP A 137 29.67 5.27 -5.18
N TYR A 138 30.50 4.68 -4.33
CA TYR A 138 31.61 3.82 -4.73
C TYR A 138 31.68 2.71 -3.70
N GLN A 139 31.32 1.50 -4.09
CA GLN A 139 31.33 0.37 -3.17
C GLN A 139 32.70 -0.30 -3.08
N ILE A 140 33.20 -0.58 -1.87
CA ILE A 140 34.50 -1.21 -1.78
C ILE A 140 34.68 -2.41 -0.88
N PHE A 141 34.35 -3.59 -1.39
CA PHE A 141 34.47 -4.88 -0.72
C PHE A 141 35.86 -4.87 -0.04
N PRO A 142 35.93 -4.42 1.23
CA PRO A 142 37.11 -4.29 2.09
C PRO A 142 38.25 -5.30 1.90
N GLU A 143 37.89 -6.58 1.97
CA GLU A 143 38.86 -7.65 1.84
C GLU A 143 39.76 -7.50 0.62
N ARG A 144 39.17 -7.35 -0.55
CA ARG A 144 39.95 -7.26 -1.78
C ARG A 144 40.30 -5.86 -2.30
N PHE A 145 40.30 -4.85 -1.44
CA PHE A 145 40.61 -3.47 -1.89
C PHE A 145 42.05 -2.98 -1.76
N ALA A 146 42.56 -2.88 -0.54
CA ALA A 146 43.92 -2.42 -0.33
C ALA A 146 44.42 -2.85 1.04
N ASN A 147 45.64 -3.36 1.07
CA ASN A 147 46.22 -3.82 2.32
C ASN A 147 47.05 -2.75 3.00
N GLY A 148 46.48 -2.17 4.06
CA GLY A 148 47.19 -1.15 4.83
C GLY A 148 47.90 -1.96 5.89
N ASN A 149 47.74 -1.60 7.15
CA ASN A 149 48.39 -2.35 8.21
C ASN A 149 48.15 -3.86 8.09
N PRO A 150 49.22 -4.67 8.13
CA PRO A 150 49.01 -6.12 8.04
C PRO A 150 48.56 -6.77 9.38
N ALA A 151 47.34 -6.38 9.78
CA ALA A 151 46.64 -6.88 10.97
C ALA A 151 45.72 -7.90 10.33
N ILE A 152 46.23 -8.48 9.24
CA ILE A 152 45.55 -9.46 8.38
C ILE A 152 45.70 -10.89 8.84
N SER A 153 44.87 -11.75 8.27
CA SER A 153 44.91 -13.17 8.60
C SER A 153 46.03 -13.82 7.80
N PRO A 154 46.47 -15.04 8.19
CA PRO A 154 47.55 -15.78 7.51
C PRO A 154 47.16 -16.53 6.22
N LYS A 155 47.56 -15.99 5.05
CA LYS A 155 47.26 -16.60 3.75
C LYS A 155 47.58 -15.68 2.55
N GLY A 156 47.50 -16.26 1.34
CA GLY A 156 47.75 -15.59 0.08
C GLY A 156 48.10 -14.11 0.00
N ALA A 157 49.07 -13.77 -0.85
CA ALA A 157 49.52 -12.37 -1.05
C ALA A 157 48.84 -11.77 -2.28
N ARG A 158 48.77 -10.44 -2.33
CA ARG A 158 48.13 -9.70 -3.44
C ARG A 158 48.17 -10.44 -4.79
N PRO A 159 47.30 -10.02 -5.73
CA PRO A 159 47.22 -10.65 -7.06
C PRO A 159 47.74 -12.07 -7.21
N TRP A 160 46.83 -13.02 -7.07
CA TRP A 160 47.19 -14.42 -7.22
C TRP A 160 47.81 -14.56 -8.61
N GLY A 161 47.12 -14.00 -9.61
CA GLY A 161 47.61 -14.08 -10.98
C GLY A 161 46.98 -13.05 -11.93
N SER A 162 46.85 -13.45 -13.20
CA SER A 162 46.25 -12.59 -14.24
C SER A 162 44.76 -12.86 -14.39
N GLU A 163 44.42 -14.13 -14.22
CA GLU A 163 43.04 -14.61 -14.33
C GLU A 163 42.71 -15.62 -13.23
N ASP A 164 41.48 -15.55 -12.70
CA ASP A 164 41.01 -16.48 -11.70
C ASP A 164 41.42 -16.32 -10.22
N PRO A 165 42.28 -15.34 -9.88
CA PRO A 165 42.60 -15.28 -8.46
C PRO A 165 41.30 -15.17 -7.64
N THR A 166 41.17 -15.96 -6.58
CA THR A 166 39.98 -15.96 -5.70
C THR A 166 39.11 -17.22 -5.76
N PRO A 167 39.06 -17.96 -4.63
CA PRO A 167 38.27 -19.19 -4.47
C PRO A 167 37.24 -18.98 -3.36
N THR A 168 37.78 -18.66 -2.19
CA THR A 168 37.09 -18.38 -0.92
C THR A 168 38.18 -18.37 0.16
N SER A 169 39.16 -17.49 -0.05
CA SER A 169 40.29 -17.30 0.84
C SER A 169 40.78 -15.86 0.74
N PHE A 170 41.27 -15.35 1.86
CA PHE A 170 41.74 -13.97 2.05
C PHE A 170 43.04 -13.49 1.39
N PHE A 171 43.10 -12.17 1.17
CA PHE A 171 44.25 -11.50 0.60
C PHE A 171 44.74 -10.45 1.58
N GLY A 172 43.94 -10.21 2.62
CA GLY A 172 44.32 -9.27 3.65
C GLY A 172 43.95 -7.81 3.50
N GLY A 173 42.68 -7.53 3.24
CA GLY A 173 42.28 -6.14 3.10
C GLY A 173 42.23 -5.54 4.49
N ASP A 174 41.72 -4.32 4.61
CA ASP A 174 41.60 -3.63 5.89
C ASP A 174 41.27 -2.16 5.73
N LEU A 175 40.52 -1.64 6.70
CA LEU A 175 40.09 -0.25 6.69
C LEU A 175 41.20 0.72 6.42
N GLN A 176 42.37 0.49 7.01
CA GLN A 176 43.51 1.37 6.78
C GLN A 176 43.69 1.63 5.28
N GLY A 177 43.74 0.54 4.50
CA GLY A 177 43.93 0.64 3.07
C GLY A 177 43.04 1.70 2.46
N ILE A 178 41.75 1.61 2.76
CA ILE A 178 40.77 2.57 2.27
C ILE A 178 41.24 3.97 2.66
N ILE A 179 41.64 4.14 3.91
CA ILE A 179 42.10 5.44 4.37
C ILE A 179 43.26 5.90 3.50
N ASP A 180 44.17 4.99 3.20
CA ASP A 180 45.33 5.34 2.40
C ASP A 180 44.99 5.80 0.98
N HIS A 181 44.30 4.95 0.23
CA HIS A 181 43.91 5.27 -1.15
C HIS A 181 42.71 6.22 -1.21
N LEU A 182 42.51 6.90 -0.10
CA LEU A 182 41.42 7.84 0.06
C LEU A 182 41.62 9.03 -0.87
N ASP A 183 42.86 9.24 -1.29
CA ASP A 183 43.17 10.34 -2.20
C ASP A 183 42.66 10.01 -3.60
N TYR A 184 42.76 8.74 -3.94
CA TYR A 184 42.33 8.19 -5.23
C TYR A 184 40.86 8.53 -5.46
N LEU A 185 40.04 8.17 -4.47
CA LEU A 185 38.61 8.41 -4.51
C LEU A 185 38.36 9.90 -4.71
N ALA A 186 38.74 10.71 -3.72
CA ALA A 186 38.56 12.13 -3.81
C ALA A 186 38.91 12.68 -5.20
N ASP A 187 39.87 12.05 -5.86
CA ASP A 187 40.26 12.50 -7.19
C ASP A 187 39.30 11.98 -8.24
N LEU A 188 38.85 10.72 -8.09
CA LEU A 188 37.92 10.13 -9.04
C LEU A 188 36.66 11.00 -9.02
N GLY A 189 36.45 11.64 -7.87
CA GLY A 189 35.31 12.52 -7.72
C GLY A 189 34.16 12.02 -6.89
N ILE A 190 34.25 10.80 -6.36
CA ILE A 190 33.15 10.27 -5.57
C ILE A 190 32.89 11.09 -4.29
N THR A 191 31.73 10.87 -3.70
CA THR A 191 31.34 11.59 -2.50
C THR A 191 30.75 10.67 -1.46
N GLY A 192 30.61 9.41 -1.81
CA GLY A 192 30.07 8.46 -0.87
C GLY A 192 30.58 7.04 -1.04
N ILE A 193 30.95 6.40 0.05
CA ILE A 193 31.41 5.03 -0.04
C ILE A 193 30.51 4.14 0.76
N TYR A 194 30.36 2.92 0.27
CA TYR A 194 29.53 1.93 0.90
C TYR A 194 30.40 0.71 1.13
N LEU A 195 30.68 0.43 2.41
CA LEU A 195 31.49 -0.72 2.75
C LEU A 195 30.60 -1.94 2.91
N THR A 196 31.06 -3.07 2.40
CA THR A 196 30.31 -4.30 2.54
C THR A 196 30.50 -4.65 4.04
N PRO A 197 29.76 -5.65 4.57
CA PRO A 197 29.91 -6.01 5.99
C PRO A 197 31.35 -6.06 6.54
N ILE A 198 31.52 -5.55 7.76
CA ILE A 198 32.83 -5.49 8.43
C ILE A 198 32.81 -5.83 9.93
N PHE A 199 31.91 -6.71 10.37
CA PHE A 199 31.87 -7.05 11.79
C PHE A 199 32.44 -8.44 12.04
N ARG A 200 33.15 -8.60 13.15
CA ARG A 200 33.79 -9.87 13.52
C ARG A 200 33.09 -11.06 12.85
N ALA A 201 33.79 -11.72 11.93
CA ALA A 201 33.18 -12.85 11.25
C ALA A 201 34.22 -13.79 10.64
N PRO A 202 33.83 -15.07 10.45
CA PRO A 202 34.62 -16.19 9.90
C PRO A 202 35.05 -16.17 8.43
N SER A 203 34.32 -15.48 7.56
CA SER A 203 34.70 -15.48 6.14
C SER A 203 35.34 -14.22 5.60
N ASN A 204 35.69 -14.27 4.31
CA ASN A 204 36.28 -13.14 3.60
C ASN A 204 35.15 -12.16 3.35
N HIS A 205 33.92 -12.69 3.34
CA HIS A 205 32.70 -11.89 3.18
C HIS A 205 32.09 -11.91 4.58
N LYS A 206 31.82 -10.74 5.13
CA LYS A 206 31.29 -10.65 6.49
C LYS A 206 29.78 -10.80 6.69
N TYR A 207 29.13 -11.66 5.91
CA TYR A 207 27.68 -11.82 6.05
C TYR A 207 27.26 -12.87 7.10
N ASP A 208 28.10 -13.87 7.31
CA ASP A 208 27.82 -14.88 8.32
C ASP A 208 28.42 -14.29 9.58
N THR A 209 27.85 -13.14 9.98
CA THR A 209 28.31 -12.41 11.15
C THR A 209 28.30 -13.13 12.49
N ALA A 210 29.31 -12.83 13.31
CA ALA A 210 29.48 -13.43 14.62
C ALA A 210 29.11 -12.49 15.78
N ASP A 211 29.57 -11.25 15.71
CA ASP A 211 29.25 -10.24 16.73
C ASP A 211 29.08 -8.90 16.08
N TYR A 212 27.85 -8.39 16.15
CA TYR A 212 27.52 -7.10 15.56
C TYR A 212 28.12 -5.90 16.27
N PHE A 213 28.60 -6.07 17.50
CA PHE A 213 29.15 -4.94 18.23
C PHE A 213 30.64 -4.74 18.09
N GLU A 214 31.29 -5.68 17.43
CA GLU A 214 32.74 -5.63 17.26
C GLU A 214 33.18 -5.71 15.80
N ILE A 215 34.09 -4.80 15.44
CA ILE A 215 34.64 -4.74 14.09
C ILE A 215 35.66 -5.86 13.93
N ASP A 216 35.62 -6.55 12.81
CA ASP A 216 36.55 -7.65 12.59
C ASP A 216 38.01 -7.20 12.69
N PRO A 217 38.75 -7.76 13.66
CA PRO A 217 40.16 -7.42 13.88
C PRO A 217 40.98 -7.37 12.60
N HIS A 218 40.70 -8.30 11.69
CA HIS A 218 41.42 -8.38 10.42
C HIS A 218 41.19 -7.15 9.56
N PHE A 219 40.25 -6.29 9.98
CA PHE A 219 39.92 -5.07 9.26
C PHE A 219 40.45 -3.88 10.03
N GLY A 220 40.27 -3.91 11.35
CA GLY A 220 40.75 -2.82 12.19
C GLY A 220 40.25 -2.77 13.63
N ASP A 221 39.99 -1.55 14.09
CA ASP A 221 39.53 -1.31 15.44
C ASP A 221 38.73 0.00 15.45
N LYS A 222 38.09 0.30 16.57
CA LYS A 222 37.28 1.51 16.67
C LYS A 222 38.08 2.72 16.22
N GLU A 223 39.33 2.78 16.63
CA GLU A 223 40.18 3.91 16.26
C GLU A 223 40.24 4.05 14.74
N THR A 224 40.63 2.96 14.08
CA THR A 224 40.76 2.91 12.63
C THR A 224 39.49 3.39 11.93
N LEU A 225 38.35 2.89 12.40
CA LEU A 225 37.06 3.23 11.81
C LEU A 225 36.72 4.70 11.93
N LYS A 226 36.73 5.23 13.16
CA LYS A 226 36.38 6.63 13.36
C LYS A 226 37.32 7.56 12.62
N THR A 227 38.47 7.04 12.22
CA THR A 227 39.44 7.85 11.50
C THR A 227 39.04 7.91 10.03
N LEU A 228 38.56 6.77 9.51
CA LEU A 228 38.13 6.64 8.12
C LEU A 228 36.97 7.58 7.86
N VAL A 229 36.07 7.65 8.82
CA VAL A 229 34.90 8.50 8.74
C VAL A 229 35.29 9.96 8.91
N LYS A 230 36.34 10.20 9.71
CA LYS A 230 36.79 11.55 9.93
C LYS A 230 37.36 12.09 8.62
N ARG A 231 38.33 11.36 8.07
CA ARG A 231 38.94 11.76 6.81
C ARG A 231 37.85 11.93 5.76
N CYS A 232 37.03 10.89 5.56
CA CYS A 232 35.95 10.94 4.58
C CYS A 232 35.17 12.22 4.68
N HIS A 233 34.38 12.34 5.74
CA HIS A 233 33.59 13.54 5.96
C HIS A 233 34.45 14.76 5.69
N GLU A 234 35.66 14.74 6.23
CA GLU A 234 36.59 15.84 6.06
C GLU A 234 36.64 16.25 4.60
N LYS A 235 36.62 15.26 3.70
CA LYS A 235 36.69 15.55 2.28
C LYS A 235 35.32 15.67 1.62
N GLY A 236 34.27 15.46 2.40
CA GLY A 236 32.93 15.55 1.85
C GLY A 236 32.48 14.20 1.36
N ILE A 237 32.97 13.13 1.99
CA ILE A 237 32.59 11.77 1.61
C ILE A 237 31.75 11.14 2.72
N ARG A 238 30.59 10.61 2.32
CA ARG A 238 29.68 9.95 3.26
C ARG A 238 30.03 8.46 3.38
N VAL A 239 29.55 7.81 4.42
CA VAL A 239 29.83 6.40 4.64
C VAL A 239 28.56 5.62 4.99
N MET A 240 28.34 4.53 4.28
CA MET A 240 27.19 3.70 4.54
C MET A 240 27.68 2.29 4.80
N LEU A 241 27.36 1.75 5.98
CA LEU A 241 27.78 0.41 6.35
C LEU A 241 26.73 -0.63 5.98
N ASP A 242 27.09 -1.90 6.11
CA ASP A 242 26.17 -2.97 5.76
C ASP A 242 25.51 -3.61 6.98
N ALA A 243 24.19 -3.47 7.04
CA ALA A 243 23.38 -4.00 8.11
C ALA A 243 22.82 -5.36 7.75
N VAL A 244 23.38 -6.41 8.35
CA VAL A 244 22.90 -7.76 8.07
C VAL A 244 22.01 -8.27 9.20
N PHE A 245 20.72 -7.92 9.14
CA PHE A 245 19.76 -8.30 10.16
C PHE A 245 18.83 -9.48 9.84
N ASN A 246 18.76 -9.93 8.60
CA ASN A 246 17.86 -11.03 8.29
C ASN A 246 18.28 -12.34 8.92
N HIS A 247 19.58 -12.56 9.03
CA HIS A 247 20.14 -13.77 9.61
C HIS A 247 21.47 -13.45 10.30
N CYS A 248 21.96 -14.39 11.10
CA CYS A 248 23.23 -14.21 11.81
C CYS A 248 24.18 -15.35 11.45
N GLY A 249 25.46 -15.19 11.77
CA GLY A 249 26.44 -16.22 11.46
C GLY A 249 26.33 -17.45 12.35
N TYR A 250 27.02 -18.51 11.95
CA TYR A 250 27.02 -19.75 12.71
C TYR A 250 27.74 -19.56 14.05
N GLU A 251 28.73 -18.68 14.06
CA GLU A 251 29.49 -18.44 15.29
C GLU A 251 28.84 -17.40 16.21
N PHE A 252 27.60 -17.01 15.91
CA PHE A 252 26.88 -16.04 16.73
C PHE A 252 26.63 -16.65 18.11
N ALA A 253 27.11 -15.97 19.14
CA ALA A 253 26.96 -16.42 20.51
C ALA A 253 25.63 -17.15 20.78
N PRO A 254 24.50 -16.41 20.78
CA PRO A 254 23.19 -17.01 21.02
C PRO A 254 22.86 -18.27 20.22
N PHE A 255 23.15 -18.26 18.93
CA PHE A 255 22.83 -19.44 18.13
C PHE A 255 23.69 -20.63 18.53
N GLN A 256 24.94 -20.36 18.88
CA GLN A 256 25.84 -21.44 19.28
C GLN A 256 25.22 -22.06 20.54
N ASP A 257 24.86 -21.17 21.47
CA ASP A 257 24.26 -21.53 22.74
C ASP A 257 22.99 -22.36 22.57
N VAL A 258 22.39 -22.29 21.39
CA VAL A 258 21.17 -23.04 21.13
C VAL A 258 21.45 -24.53 20.96
N LEU A 259 22.67 -24.88 20.53
CA LEU A 259 22.99 -26.28 20.38
C LEU A 259 23.55 -26.79 21.70
N LYS A 260 24.29 -25.92 22.39
CA LYS A 260 24.87 -26.25 23.68
C LYS A 260 23.79 -26.68 24.67
N ASN A 261 22.56 -26.21 24.45
CA ASN A 261 21.48 -26.53 25.37
C ASN A 261 20.20 -27.06 24.74
N GLY A 262 20.02 -26.81 23.44
CA GLY A 262 18.83 -27.29 22.77
C GLY A 262 17.56 -26.62 23.29
N ALA A 263 16.48 -27.38 23.42
CA ALA A 263 15.21 -26.84 23.90
C ALA A 263 15.42 -25.99 25.13
N ALA A 264 16.49 -26.29 25.86
CA ALA A 264 16.83 -25.59 27.08
C ALA A 264 17.24 -24.12 26.86
N SER A 265 18.22 -23.91 25.98
CA SER A 265 18.74 -22.58 25.66
C SER A 265 17.83 -21.38 25.94
N ARG A 266 18.41 -20.36 26.56
CA ARG A 266 17.68 -19.15 26.86
C ARG A 266 17.53 -18.31 25.61
N TYR A 267 17.86 -18.88 24.46
CA TYR A 267 17.78 -18.16 23.19
C TYR A 267 17.03 -18.89 22.09
N LYS A 268 16.17 -19.83 22.46
CA LYS A 268 15.42 -20.56 21.45
C LYS A 268 14.58 -19.63 20.58
N ASP A 269 13.82 -18.75 21.22
CA ASP A 269 12.95 -17.80 20.52
C ASP A 269 13.68 -16.75 19.67
N TRP A 270 15.00 -16.81 19.62
CA TRP A 270 15.75 -15.85 18.83
C TRP A 270 15.81 -16.28 17.37
N PHE A 271 15.33 -17.48 17.10
CA PHE A 271 15.34 -18.00 15.74
C PHE A 271 14.02 -18.68 15.43
N HIS A 272 13.92 -19.25 14.24
CA HIS A 272 12.72 -19.96 13.82
C HIS A 272 13.09 -21.43 13.76
N ILE A 273 12.78 -22.19 14.81
CA ILE A 273 13.12 -23.61 14.80
C ILE A 273 11.90 -24.51 14.96
N ARG A 274 11.80 -25.48 14.06
CA ARG A 274 10.69 -26.44 14.04
C ARG A 274 11.06 -27.64 14.90
N GLU A 275 11.94 -28.48 14.34
CA GLU A 275 12.46 -29.69 14.99
C GLU A 275 13.52 -29.20 15.96
N PHE A 276 13.54 -29.72 17.19
CA PHE A 276 14.55 -29.23 18.10
C PHE A 276 15.88 -29.96 18.11
N PRO A 277 15.89 -31.27 17.79
CA PRO A 277 17.22 -31.88 17.79
C PRO A 277 17.85 -31.37 16.48
N LEU A 278 18.25 -30.11 16.48
CA LEU A 278 18.83 -29.48 15.29
C LEU A 278 19.74 -30.36 14.45
N GLN A 279 19.20 -30.85 13.33
CA GLN A 279 19.95 -31.70 12.41
C GLN A 279 19.90 -31.03 11.04
N THR A 280 21.05 -30.91 10.41
CA THR A 280 21.15 -30.28 9.10
C THR A 280 21.41 -31.27 7.96
N GLU A 281 21.11 -32.55 8.20
CA GLU A 281 21.32 -33.61 7.21
C GLU A 281 20.77 -33.27 5.81
N PRO A 282 19.55 -33.74 5.44
CA PRO A 282 19.13 -33.35 4.10
C PRO A 282 19.27 -31.85 3.91
N ARG A 283 18.74 -31.11 4.88
CA ARG A 283 18.80 -29.65 4.90
C ARG A 283 18.33 -29.18 6.27
N PRO A 284 18.66 -27.93 6.65
CA PRO A 284 18.27 -27.37 7.94
C PRO A 284 16.79 -27.55 8.31
N ASN A 285 16.56 -27.98 9.55
CA ASN A 285 15.21 -28.17 10.07
C ASN A 285 14.73 -26.88 10.72
N TYR A 286 15.44 -25.80 10.40
CA TYR A 286 15.14 -24.45 10.89
C TYR A 286 15.32 -23.50 9.71
N ASP A 287 14.76 -22.30 9.81
CA ASP A 287 14.88 -21.36 8.72
C ASP A 287 16.30 -20.75 8.70
N THR A 288 16.91 -20.83 7.51
CA THR A 288 18.26 -20.31 7.25
C THR A 288 18.20 -19.56 5.94
N PHE A 289 19.09 -18.58 5.77
CA PHE A 289 19.13 -17.75 4.56
C PHE A 289 18.38 -18.32 3.38
N ALA A 290 19.03 -19.21 2.63
CA ALA A 290 18.39 -19.83 1.50
C ALA A 290 18.21 -21.27 1.95
N PHE A 291 19.32 -21.88 2.32
CA PHE A 291 19.35 -23.25 2.81
C PHE A 291 20.78 -23.41 3.32
N VAL A 292 21.39 -22.26 3.63
CA VAL A 292 22.76 -22.16 4.14
C VAL A 292 22.79 -22.29 5.66
N PRO A 293 22.91 -23.52 6.17
CA PRO A 293 22.96 -23.85 7.59
C PRO A 293 23.78 -22.90 8.44
N HIS A 294 24.94 -22.51 7.92
CA HIS A 294 25.82 -21.62 8.68
C HIS A 294 25.31 -20.20 8.68
N MET A 295 24.02 -20.04 8.45
CA MET A 295 23.38 -18.72 8.46
C MET A 295 21.89 -18.84 8.83
N PRO A 296 21.57 -18.90 10.14
CA PRO A 296 20.18 -19.03 10.60
C PRO A 296 19.43 -17.70 10.60
N LYS A 297 18.14 -17.77 10.34
CA LYS A 297 17.32 -16.56 10.30
C LYS A 297 16.98 -16.10 11.69
N LEU A 298 17.14 -14.81 11.93
CA LEU A 298 16.82 -14.23 13.22
C LEU A 298 15.31 -14.13 13.34
N ASN A 299 14.83 -13.68 14.48
CA ASN A 299 13.39 -13.51 14.68
C ASN A 299 13.04 -12.09 15.07
N THR A 300 13.09 -11.23 14.06
CA THR A 300 12.80 -9.82 14.21
C THR A 300 11.50 -9.55 14.96
N ALA A 301 10.66 -10.58 15.06
CA ALA A 301 9.39 -10.47 15.74
C ALA A 301 9.55 -10.59 17.24
N HIS A 302 10.53 -11.37 17.68
CA HIS A 302 10.79 -11.55 19.10
C HIS A 302 11.08 -10.17 19.69
N PRO A 303 10.76 -9.96 20.97
CA PRO A 303 11.01 -8.66 21.61
C PRO A 303 12.48 -8.33 21.83
N GLU A 304 13.26 -9.33 22.24
CA GLU A 304 14.68 -9.10 22.48
C GLU A 304 15.44 -8.86 21.19
N VAL A 305 15.46 -9.86 20.33
CA VAL A 305 16.15 -9.77 19.05
C VAL A 305 15.96 -8.38 18.49
N LYS A 306 14.73 -7.89 18.58
CA LYS A 306 14.35 -6.56 18.09
C LYS A 306 15.21 -5.48 18.75
N ARG A 307 15.32 -5.52 20.07
CA ARG A 307 16.12 -4.53 20.77
C ARG A 307 17.62 -4.76 20.59
N TYR A 308 18.01 -6.01 20.37
CA TYR A 308 19.42 -6.30 20.16
C TYR A 308 19.84 -5.53 18.93
N LEU A 309 19.18 -5.83 17.82
CA LEU A 309 19.45 -5.16 16.56
C LEU A 309 19.31 -3.65 16.72
N LEU A 310 18.09 -3.21 17.01
CA LEU A 310 17.78 -1.79 17.18
C LEU A 310 18.88 -1.01 17.90
N ASP A 311 19.50 -1.64 18.88
CA ASP A 311 20.58 -1.00 19.60
C ASP A 311 21.77 -0.94 18.66
N VAL A 312 22.12 -2.09 18.09
CA VAL A 312 23.24 -2.17 17.13
C VAL A 312 23.07 -1.05 16.12
N ALA A 313 21.96 -1.10 15.40
CA ALA A 313 21.64 -0.12 14.39
C ALA A 313 21.99 1.29 14.84
N THR A 314 21.68 1.60 16.09
CA THR A 314 21.95 2.93 16.65
C THR A 314 23.36 3.08 17.20
N TYR A 315 23.92 1.94 17.65
CA TYR A 315 25.24 1.92 18.21
C TYR A 315 26.22 2.66 17.31
N TRP A 316 26.36 2.17 16.07
CA TRP A 316 27.29 2.78 15.10
C TRP A 316 26.92 4.19 14.65
N ILE A 317 25.64 4.52 14.63
CA ILE A 317 25.25 5.86 14.20
C ILE A 317 25.68 6.86 15.24
N ARG A 318 25.77 6.40 16.49
CA ARG A 318 26.16 7.27 17.59
C ARG A 318 27.66 7.19 17.82
N GLU A 319 28.19 5.97 17.83
CA GLU A 319 29.62 5.73 18.08
C GLU A 319 30.61 6.16 17.00
N PHE A 320 30.16 6.21 15.74
CA PHE A 320 31.05 6.58 14.65
C PHE A 320 30.50 7.59 13.66
N ASP A 321 29.28 8.08 13.93
CA ASP A 321 28.65 9.07 13.08
C ASP A 321 28.58 8.66 11.61
N ILE A 322 28.18 7.44 11.32
CA ILE A 322 28.09 6.97 9.94
C ILE A 322 26.95 7.67 9.22
N ASP A 323 26.82 7.43 7.93
CA ASP A 323 25.77 8.11 7.15
C ASP A 323 24.62 7.27 6.60
N GLY A 324 24.65 5.96 6.75
CA GLY A 324 23.55 5.16 6.24
C GLY A 324 23.72 3.66 6.35
N TRP A 325 22.62 2.93 6.22
CA TRP A 325 22.67 1.48 6.30
C TRP A 325 22.16 0.80 5.03
N ARG A 326 22.91 -0.18 4.54
CA ARG A 326 22.53 -0.96 3.37
C ARG A 326 21.88 -2.17 4.05
N LEU A 327 20.56 -2.25 4.00
CA LEU A 327 19.85 -3.36 4.64
C LEU A 327 19.85 -4.59 3.74
N ASP A 328 20.51 -5.65 4.22
CA ASP A 328 20.66 -6.88 3.46
C ASP A 328 19.48 -7.82 3.55
N VAL A 329 18.99 -8.28 2.40
CA VAL A 329 17.86 -9.22 2.33
C VAL A 329 16.67 -8.62 3.07
N ALA A 330 16.60 -7.29 3.07
CA ALA A 330 15.56 -6.53 3.75
C ALA A 330 14.16 -7.05 3.57
N ASN A 331 13.83 -7.44 2.34
CA ASN A 331 12.49 -7.95 2.04
C ASN A 331 12.09 -9.20 2.82
N GLU A 332 13.01 -9.84 3.54
CA GLU A 332 12.64 -11.03 4.29
C GLU A 332 12.38 -10.74 5.78
N ILE A 333 12.08 -9.48 6.08
CA ILE A 333 11.79 -9.02 7.46
C ILE A 333 10.41 -8.32 7.55
N ASP A 334 9.72 -8.53 8.67
CA ASP A 334 8.40 -7.94 8.88
C ASP A 334 8.42 -6.44 8.89
N HIS A 335 7.59 -5.84 8.04
CA HIS A 335 7.52 -4.39 7.94
C HIS A 335 7.43 -3.70 9.30
N GLN A 336 6.74 -4.34 10.24
CA GLN A 336 6.61 -3.71 11.55
C GLN A 336 8.01 -3.36 12.04
N PHE A 337 8.87 -4.36 12.07
CA PHE A 337 10.25 -4.17 12.49
C PHE A 337 10.89 -2.94 11.84
N TRP A 338 10.83 -2.86 10.51
CA TRP A 338 11.42 -1.75 9.75
C TRP A 338 10.83 -0.42 10.16
N ARG A 339 9.55 -0.44 10.55
CA ARG A 339 8.92 0.78 10.99
C ARG A 339 9.64 1.27 12.25
N GLU A 340 9.86 0.38 13.21
CA GLU A 340 10.56 0.73 14.45
C GLU A 340 12.02 1.09 14.17
N PHE A 341 12.62 0.38 13.22
CA PHE A 341 14.01 0.60 12.82
C PHE A 341 14.17 2.05 12.36
N ARG A 342 13.41 2.42 11.35
CA ARG A 342 13.47 3.78 10.82
C ARG A 342 13.29 4.80 11.92
N GLN A 343 12.35 4.54 12.81
CA GLN A 343 12.11 5.47 13.89
C GLN A 343 13.32 5.61 14.80
N ALA A 344 13.93 4.50 15.17
CA ALA A 344 15.10 4.53 16.05
C ALA A 344 16.21 5.32 15.39
N VAL A 345 16.54 4.92 14.17
CA VAL A 345 17.59 5.57 13.43
C VAL A 345 17.31 7.05 13.19
N LYS A 346 16.21 7.36 12.52
CA LYS A 346 15.84 8.74 12.20
C LYS A 346 15.68 9.68 13.39
N ALA A 347 15.51 9.12 14.58
CA ALA A 347 15.34 9.91 15.79
C ALA A 347 16.69 10.42 16.30
N LEU A 348 17.75 9.73 15.89
CA LEU A 348 19.11 10.06 16.29
C LEU A 348 19.82 10.90 15.21
N LYS A 349 19.61 10.54 13.96
CA LYS A 349 20.22 11.25 12.86
C LYS A 349 19.27 11.14 11.67
N PRO A 350 18.52 12.22 11.42
CA PRO A 350 17.55 12.33 10.31
C PRO A 350 18.18 12.04 8.97
N ASP A 351 19.37 12.58 8.78
CA ASP A 351 20.11 12.42 7.55
C ASP A 351 20.59 11.01 7.26
N VAL A 352 20.33 10.07 8.16
CA VAL A 352 20.78 8.71 7.88
C VAL A 352 20.01 8.14 6.70
N TYR A 353 20.76 7.76 5.67
CA TYR A 353 20.18 7.19 4.49
C TYR A 353 19.86 5.74 4.85
N ILE A 354 18.62 5.30 4.64
CA ILE A 354 18.23 3.93 4.93
C ILE A 354 17.94 3.17 3.64
N LEU A 355 18.98 2.59 3.06
CA LEU A 355 18.86 1.84 1.81
C LEU A 355 18.64 0.37 2.06
N GLY A 356 17.64 -0.19 1.39
CA GLY A 356 17.34 -1.60 1.54
C GLY A 356 17.70 -2.39 0.30
N LEU A 357 17.92 -3.69 0.48
CA LEU A 357 18.29 -4.56 -0.63
C LEU A 357 17.11 -5.42 -1.03
N ILE A 358 16.32 -4.94 -1.98
CA ILE A 358 15.17 -5.70 -2.46
C ILE A 358 15.26 -5.91 -3.97
N TRP A 359 15.34 -7.18 -4.38
CA TRP A 359 15.48 -7.54 -5.79
C TRP A 359 14.29 -7.27 -6.69
N HIS A 360 13.11 -7.61 -6.21
CA HIS A 360 11.86 -7.42 -6.93
C HIS A 360 11.32 -6.02 -6.72
N ASP A 361 10.01 -5.90 -6.91
CA ASP A 361 9.32 -4.64 -6.74
C ASP A 361 9.29 -4.27 -5.28
N ALA A 362 9.46 -2.99 -4.97
CA ALA A 362 9.50 -2.58 -3.57
C ALA A 362 8.45 -1.60 -3.07
N MET A 363 7.39 -1.40 -3.83
CA MET A 363 6.34 -0.49 -3.42
C MET A 363 5.98 -0.70 -1.96
N PRO A 364 5.73 -1.95 -1.56
CA PRO A 364 5.37 -2.22 -0.17
C PRO A 364 6.24 -1.58 0.87
N TRP A 365 7.48 -1.28 0.54
CA TRP A 365 8.37 -0.69 1.53
C TRP A 365 8.52 0.83 1.41
N LEU A 366 8.54 1.29 0.16
CA LEU A 366 8.69 2.70 -0.14
C LEU A 366 7.40 3.50 0.06
N ARG A 367 6.64 3.18 1.11
CA ARG A 367 5.42 3.93 1.36
C ARG A 367 5.75 5.19 2.17
N GLY A 368 7.00 5.24 2.67
CA GLY A 368 7.43 6.39 3.44
C GLY A 368 7.53 6.08 4.91
N ASP A 369 7.11 4.88 5.28
CA ASP A 369 7.13 4.46 6.68
C ASP A 369 8.28 3.49 6.98
N GLN A 370 8.90 2.97 5.93
CA GLN A 370 9.96 2.00 6.10
C GLN A 370 11.31 2.38 5.49
N PHE A 371 11.51 2.14 4.19
CA PHE A 371 12.80 2.47 3.60
C PHE A 371 12.88 3.84 2.96
N ASP A 372 14.11 4.31 2.75
CA ASP A 372 14.37 5.61 2.11
C ASP A 372 14.47 5.32 0.62
N ALA A 373 14.97 4.14 0.29
CA ALA A 373 15.12 3.73 -1.09
C ALA A 373 15.52 2.25 -1.16
N VAL A 374 15.75 1.76 -2.37
CA VAL A 374 16.13 0.37 -2.59
C VAL A 374 17.07 0.28 -3.79
N MET A 375 17.83 -0.81 -3.89
CA MET A 375 18.76 -1.02 -5.00
C MET A 375 17.94 -1.08 -6.29
N ASN A 376 18.13 -0.12 -7.19
CA ASN A 376 17.35 -0.15 -8.41
C ASN A 376 17.83 -1.24 -9.35
N TYR A 377 17.58 -2.48 -8.97
CA TYR A 377 18.00 -3.59 -9.82
C TYR A 377 17.30 -3.63 -11.18
N PRO A 378 15.97 -3.51 -11.21
CA PRO A 378 15.27 -3.56 -12.51
C PRO A 378 15.90 -2.64 -13.55
N LEU A 379 16.56 -1.60 -13.09
CA LEU A 379 17.23 -0.65 -13.98
C LEU A 379 18.51 -1.30 -14.51
N ALA A 380 19.31 -1.84 -13.61
CA ALA A 380 20.55 -2.50 -13.98
C ALA A 380 20.30 -3.55 -15.04
N ASP A 381 19.39 -4.48 -14.76
CA ASP A 381 19.05 -5.53 -15.69
C ASP A 381 18.87 -4.94 -17.10
N ALA A 382 18.15 -3.83 -17.18
CA ALA A 382 17.89 -3.16 -18.45
C ALA A 382 19.14 -2.64 -19.12
N ALA A 383 19.86 -1.80 -18.40
CA ALA A 383 21.08 -1.22 -18.93
C ALA A 383 22.01 -2.29 -19.52
N LEU A 384 22.31 -3.31 -18.72
CA LEU A 384 23.19 -4.38 -19.19
C LEU A 384 22.59 -5.02 -20.41
N ARG A 385 21.32 -5.38 -20.31
CA ARG A 385 20.63 -6.02 -21.41
C ARG A 385 20.80 -5.20 -22.70
N PHE A 386 20.62 -3.88 -22.61
CA PHE A 386 20.77 -3.01 -23.78
C PHE A 386 22.20 -2.80 -24.28
N PHE A 387 23.04 -2.23 -23.44
CA PHE A 387 24.43 -1.95 -23.80
C PHE A 387 25.34 -3.16 -23.89
N ALA A 388 25.38 -3.98 -22.83
CA ALA A 388 26.24 -5.17 -22.77
C ALA A 388 25.85 -6.30 -23.70
N LYS A 389 24.75 -6.98 -23.40
CA LYS A 389 24.32 -8.10 -24.21
C LYS A 389 23.57 -7.73 -25.48
N GLU A 390 23.17 -6.47 -25.63
CA GLU A 390 22.44 -6.05 -26.82
C GLU A 390 21.31 -7.03 -27.18
N ASP A 391 20.45 -7.28 -26.19
CA ASP A 391 19.30 -8.18 -26.36
C ASP A 391 18.07 -7.41 -26.77
N MET A 392 17.81 -6.29 -26.11
CA MET A 392 16.62 -5.52 -26.46
C MET A 392 16.96 -4.29 -27.29
N SER A 393 15.95 -3.78 -28.00
CA SER A 393 16.11 -2.60 -28.84
C SER A 393 16.17 -1.36 -27.97
N ALA A 394 16.37 -0.21 -28.61
CA ALA A 394 16.45 1.06 -27.90
C ALA A 394 15.07 1.45 -27.39
N SER A 395 14.04 1.12 -28.14
CA SER A 395 12.72 1.46 -27.68
C SER A 395 12.33 0.50 -26.58
N GLU A 396 12.49 -0.80 -26.80
CA GLU A 396 12.15 -1.77 -25.75
C GLU A 396 12.82 -1.29 -24.46
N PHE A 397 14.08 -0.86 -24.57
CA PHE A 397 14.84 -0.37 -23.43
C PHE A 397 14.13 0.84 -22.82
N ALA A 398 13.83 1.81 -23.68
CA ALA A 398 13.14 3.01 -23.24
C ALA A 398 11.85 2.63 -22.55
N ASP A 399 11.13 1.67 -23.12
CA ASP A 399 9.87 1.23 -22.54
C ASP A 399 10.10 0.70 -21.11
N ARG A 400 10.91 -0.35 -20.99
CA ARG A 400 11.20 -0.97 -19.70
C ARG A 400 11.58 0.05 -18.64
N LEU A 401 12.27 1.11 -19.04
CA LEU A 401 12.68 2.15 -18.12
C LEU A 401 11.49 3.02 -17.71
N MET A 402 10.72 3.47 -18.70
CA MET A 402 9.55 4.28 -18.42
C MET A 402 8.64 3.56 -17.44
N HIS A 403 8.44 2.27 -17.70
CA HIS A 403 7.60 1.42 -16.89
C HIS A 403 8.00 1.40 -15.43
N VAL A 404 9.23 1.02 -15.14
CA VAL A 404 9.68 0.99 -13.77
C VAL A 404 9.56 2.38 -13.17
N LEU A 405 10.11 3.37 -13.86
CA LEU A 405 10.03 4.73 -13.38
C LEU A 405 8.62 5.09 -12.89
N HIS A 406 7.60 4.75 -13.68
CA HIS A 406 6.23 5.07 -13.31
C HIS A 406 5.56 4.19 -12.27
N SER A 407 6.27 3.19 -11.76
CA SER A 407 5.68 2.27 -10.77
C SER A 407 5.87 2.70 -9.32
N TYR A 408 6.61 3.80 -9.14
CA TYR A 408 6.88 4.37 -7.83
C TYR A 408 6.54 5.83 -7.94
N PRO A 409 6.44 6.53 -6.81
CA PRO A 409 6.13 7.96 -6.91
C PRO A 409 7.40 8.73 -7.25
N LYS A 410 7.22 9.85 -7.95
CA LYS A 410 8.32 10.69 -8.39
C LYS A 410 9.55 10.77 -7.48
N GLN A 411 9.37 11.17 -6.22
CA GLN A 411 10.50 11.30 -5.30
C GLN A 411 11.12 9.98 -4.91
N VAL A 412 10.36 8.90 -5.05
CA VAL A 412 10.90 7.61 -4.71
C VAL A 412 12.04 7.32 -5.65
N ASN A 413 11.95 7.82 -6.87
CA ASN A 413 13.01 7.57 -7.84
C ASN A 413 14.23 8.44 -7.60
N GLU A 414 14.01 9.70 -7.26
CA GLU A 414 15.10 10.63 -7.02
C GLU A 414 16.12 10.15 -5.98
N ALA A 415 15.72 9.18 -5.15
CA ALA A 415 16.61 8.66 -4.11
C ALA A 415 17.07 7.22 -4.37
N ALA A 416 16.58 6.64 -5.46
CA ALA A 416 16.92 5.27 -5.83
C ALA A 416 18.43 5.05 -5.91
N PHE A 417 18.85 3.86 -5.50
CA PHE A 417 20.27 3.50 -5.51
C PHE A 417 20.54 2.73 -6.81
N ASN A 418 21.03 3.45 -7.81
CA ASN A 418 21.30 2.88 -9.12
C ASN A 418 22.71 2.38 -9.27
N LEU A 419 22.83 1.08 -9.42
CA LEU A 419 24.12 0.45 -9.56
C LEU A 419 24.03 -0.40 -10.81
N LEU A 420 25.18 -0.78 -11.36
CA LEU A 420 25.18 -1.64 -12.53
C LEU A 420 25.66 -3.03 -12.11
N GLY A 421 26.40 -3.07 -11.02
CA GLY A 421 26.92 -4.33 -10.53
C GLY A 421 27.40 -4.25 -9.10
N SER A 422 27.74 -5.40 -8.54
CA SER A 422 28.22 -5.48 -7.17
C SER A 422 29.14 -6.68 -7.03
N HIS A 423 29.32 -7.09 -5.79
CA HIS A 423 30.19 -8.21 -5.47
C HIS A 423 29.49 -9.54 -5.70
N ASP A 424 28.29 -9.52 -6.25
CA ASP A 424 27.54 -10.75 -6.49
C ASP A 424 27.32 -11.06 -7.99
N THR A 425 27.51 -10.04 -8.81
CA THR A 425 27.35 -10.18 -10.25
C THR A 425 28.65 -9.99 -11.03
N PRO A 426 28.74 -10.57 -12.25
CA PRO A 426 29.90 -10.51 -13.15
C PRO A 426 30.39 -9.09 -13.47
N ARG A 427 31.69 -8.88 -13.36
CA ARG A 427 32.31 -7.57 -13.63
C ARG A 427 31.77 -6.97 -14.93
N LEU A 428 31.40 -5.69 -14.86
CA LEU A 428 30.83 -4.96 -15.98
C LEU A 428 31.56 -5.23 -17.31
N LEU A 429 32.89 -5.24 -17.27
CA LEU A 429 33.69 -5.46 -18.47
C LEU A 429 33.47 -6.81 -19.12
N THR A 430 33.79 -7.87 -18.40
CA THR A 430 33.63 -9.22 -18.91
C THR A 430 32.26 -9.40 -19.52
N VAL A 431 31.25 -8.76 -18.94
CA VAL A 431 29.89 -8.88 -19.46
C VAL A 431 29.77 -8.18 -20.80
N CYS A 432 30.69 -7.26 -21.07
CA CYS A 432 30.68 -6.57 -22.34
C CYS A 432 31.64 -7.26 -23.31
N GLY A 433 32.27 -8.33 -22.84
CA GLY A 433 33.19 -9.05 -23.68
C GLY A 433 34.48 -8.29 -23.94
N GLY A 434 34.88 -7.45 -23.00
CA GLY A 434 36.11 -6.70 -23.15
C GLY A 434 36.04 -5.54 -24.12
N ASP A 435 34.83 -5.15 -24.48
CA ASP A 435 34.62 -4.05 -25.40
C ASP A 435 34.42 -2.78 -24.57
N VAL A 436 35.51 -2.24 -24.02
CA VAL A 436 35.45 -1.04 -23.19
C VAL A 436 34.42 -0.05 -23.72
N ARG A 437 34.39 0.08 -25.05
CA ARG A 437 33.45 0.99 -25.70
C ARG A 437 32.09 0.90 -25.01
N LYS A 438 31.60 -0.32 -24.85
CA LYS A 438 30.31 -0.55 -24.20
C LYS A 438 30.36 -0.04 -22.77
N VAL A 439 31.36 -0.50 -22.03
CA VAL A 439 31.52 -0.07 -20.64
C VAL A 439 31.36 1.44 -20.51
N LYS A 440 31.95 2.22 -21.42
CA LYS A 440 31.81 3.66 -21.29
C LYS A 440 30.36 4.07 -21.50
N LEU A 441 29.67 3.41 -22.41
CA LEU A 441 28.28 3.77 -22.64
C LEU A 441 27.45 3.44 -21.42
N LEU A 442 27.81 2.39 -20.71
CA LEU A 442 27.07 2.03 -19.50
C LEU A 442 27.27 3.11 -18.44
N PHE A 443 28.51 3.53 -18.25
CA PHE A 443 28.78 4.56 -17.29
C PHE A 443 28.03 5.83 -17.68
N LEU A 444 28.05 6.16 -18.96
CA LEU A 444 27.35 7.34 -19.42
C LEU A 444 25.91 7.28 -18.96
N PHE A 445 25.15 6.36 -19.54
CA PHE A 445 23.76 6.22 -19.15
C PHE A 445 23.56 6.35 -17.64
N GLN A 446 24.31 5.58 -16.87
CA GLN A 446 24.17 5.60 -15.42
C GLN A 446 24.54 6.89 -14.73
N LEU A 447 25.60 7.54 -15.19
CA LEU A 447 26.03 8.76 -14.56
C LEU A 447 25.22 9.95 -15.02
N THR A 448 24.42 9.76 -16.05
CA THR A 448 23.63 10.85 -16.58
C THR A 448 22.13 10.55 -16.48
N PHE A 449 21.77 9.80 -15.43
CA PHE A 449 20.39 9.39 -15.17
C PHE A 449 20.09 9.70 -13.71
N THR A 450 18.97 10.39 -13.45
CA THR A 450 18.65 10.76 -12.09
C THR A 450 18.46 9.56 -11.15
N GLY A 451 18.99 9.73 -9.94
CA GLY A 451 18.94 8.71 -8.91
C GLY A 451 20.22 8.89 -8.12
N SER A 452 20.69 7.84 -7.43
CA SER A 452 21.92 7.97 -6.68
C SER A 452 22.87 6.85 -7.09
N PRO A 453 23.59 7.07 -8.21
CA PRO A 453 24.55 6.13 -8.80
C PRO A 453 25.68 5.69 -7.89
N CYS A 454 26.08 4.44 -8.09
CA CYS A 454 27.15 3.81 -7.32
C CYS A 454 28.10 3.00 -8.23
N ILE A 455 29.41 3.11 -7.97
CA ILE A 455 30.39 2.38 -8.77
C ILE A 455 31.10 1.28 -7.96
N TYR A 456 31.23 0.10 -8.58
CA TYR A 456 31.88 -1.05 -7.95
C TYR A 456 33.40 -0.96 -8.09
N TYR A 457 34.06 -0.73 -6.96
CA TYR A 457 35.51 -0.54 -6.88
C TYR A 457 36.42 -0.93 -8.02
N GLY A 458 36.14 -2.01 -8.74
CA GLY A 458 37.05 -2.36 -9.82
C GLY A 458 36.74 -1.78 -11.20
N ASP A 459 35.46 -1.73 -11.55
CA ASP A 459 35.02 -1.27 -12.85
C ASP A 459 35.62 -0.03 -13.50
N GLU A 460 35.91 1.03 -12.74
CA GLU A 460 36.47 2.24 -13.36
C GLU A 460 37.84 2.09 -14.00
N ILE A 461 38.70 1.23 -13.43
CA ILE A 461 40.02 1.02 -14.01
C ILE A 461 40.09 -0.29 -14.78
N GLY A 462 38.96 -0.62 -15.41
CA GLY A 462 38.86 -1.79 -16.26
C GLY A 462 39.06 -3.18 -15.73
N MET A 463 38.81 -3.40 -14.44
CA MET A 463 39.00 -4.73 -13.88
C MET A 463 38.07 -5.77 -14.47
N THR A 464 38.64 -6.92 -14.80
CA THR A 464 37.89 -8.03 -15.39
C THR A 464 37.68 -9.20 -14.43
N GLY A 465 36.57 -9.90 -14.59
CA GLY A 465 36.29 -11.03 -13.74
C GLY A 465 34.90 -11.58 -14.00
N GLY A 466 34.69 -12.86 -13.72
CA GLY A 466 33.40 -13.47 -13.94
C GLY A 466 32.43 -13.27 -12.79
N ASN A 467 31.69 -14.32 -12.45
CA ASN A 467 30.72 -14.25 -11.36
C ASN A 467 31.40 -14.52 -10.03
N ASP A 468 30.62 -14.52 -8.95
CA ASP A 468 31.16 -14.78 -7.62
C ASP A 468 31.96 -16.09 -7.71
N PRO A 469 33.17 -16.12 -7.13
CA PRO A 469 33.84 -15.04 -6.42
C PRO A 469 34.82 -14.25 -7.28
N GLU A 470 34.64 -14.31 -8.59
CA GLU A 470 35.53 -13.62 -9.51
C GLU A 470 35.47 -12.10 -9.49
N CYS A 471 34.26 -11.55 -9.41
CA CYS A 471 34.11 -10.11 -9.37
C CYS A 471 34.89 -9.50 -8.20
N ARG A 472 35.32 -10.35 -7.28
CA ARG A 472 36.03 -9.88 -6.10
C ARG A 472 37.55 -9.99 -6.15
N LYS A 473 38.17 -9.71 -7.31
CA LYS A 473 39.62 -9.77 -7.41
C LYS A 473 40.24 -8.58 -6.66
N CYS A 474 41.48 -8.70 -6.21
CA CYS A 474 42.12 -7.60 -5.48
C CYS A 474 42.22 -6.37 -6.36
N MET A 475 41.72 -5.24 -5.88
CA MET A 475 41.78 -3.98 -6.64
C MET A 475 43.20 -3.81 -7.19
N VAL A 476 43.29 -3.31 -8.41
CA VAL A 476 44.58 -3.14 -9.07
C VAL A 476 45.18 -1.76 -8.80
N TRP A 477 46.26 -1.71 -8.03
CA TRP A 477 46.88 -0.43 -7.74
C TRP A 477 48.13 -0.18 -8.56
N ASP A 478 48.26 -0.93 -9.66
CA ASP A 478 49.39 -0.81 -10.57
C ASP A 478 49.07 0.12 -11.75
N PRO A 479 49.49 1.40 -11.66
CA PRO A 479 49.27 2.44 -12.67
C PRO A 479 49.25 1.94 -14.09
N GLU A 480 50.23 1.10 -14.37
CA GLU A 480 50.46 0.50 -15.67
C GLU A 480 49.39 -0.52 -16.03
N LYS A 481 48.87 -1.16 -15.01
CA LYS A 481 47.88 -2.21 -15.17
C LYS A 481 46.41 -1.75 -15.17
N GLN A 482 46.14 -0.51 -14.82
CA GLN A 482 44.76 -0.03 -14.80
C GLN A 482 44.43 0.88 -15.99
N ASN A 483 43.26 0.68 -16.59
CA ASN A 483 42.83 1.46 -17.75
C ASN A 483 42.54 2.90 -17.44
N LYS A 484 43.54 3.76 -17.65
CA LYS A 484 43.39 5.19 -17.37
C LYS A 484 42.35 5.89 -18.26
N GLU A 485 42.08 5.34 -19.44
CA GLU A 485 41.11 5.95 -20.35
C GLU A 485 39.71 5.80 -19.80
N LEU A 486 39.42 4.62 -19.28
CA LEU A 486 38.12 4.38 -18.70
C LEU A 486 38.02 5.28 -17.49
N TYR A 487 39.12 5.35 -16.73
CA TYR A 487 39.16 6.16 -15.53
C TYR A 487 38.93 7.63 -15.79
N GLU A 488 39.56 8.16 -16.82
CA GLU A 488 39.36 9.57 -17.10
C GLU A 488 37.90 9.76 -17.52
N HIS A 489 37.38 8.83 -18.32
CA HIS A 489 35.99 8.87 -18.77
C HIS A 489 35.02 9.03 -17.60
N VAL A 490 35.07 8.11 -16.65
CA VAL A 490 34.18 8.19 -15.49
C VAL A 490 34.42 9.52 -14.77
N LYS A 491 35.68 9.86 -14.54
CA LYS A 491 36.03 11.09 -13.84
C LYS A 491 35.36 12.35 -14.38
N GLN A 492 35.45 12.55 -15.69
CA GLN A 492 34.86 13.73 -16.33
C GLN A 492 33.33 13.67 -16.31
N LEU A 493 32.79 12.47 -16.43
CA LEU A 493 31.34 12.30 -16.41
C LEU A 493 30.80 12.62 -15.02
N ILE A 494 31.51 12.15 -14.01
CA ILE A 494 31.12 12.39 -12.62
C ILE A 494 31.11 13.89 -12.31
N ALA A 495 32.15 14.58 -12.75
CA ALA A 495 32.24 16.01 -12.50
C ALA A 495 31.19 16.72 -13.35
N LEU A 496 30.83 16.09 -14.47
CA LEU A 496 29.85 16.67 -15.37
C LEU A 496 28.50 16.62 -14.66
N ARG A 497 28.14 15.46 -14.15
CA ARG A 497 26.89 15.31 -13.42
C ARG A 497 26.90 16.28 -12.26
N LYS A 498 28.10 16.57 -11.78
CA LYS A 498 28.26 17.45 -10.63
C LYS A 498 27.83 18.89 -10.89
N GLN A 499 27.87 19.33 -12.13
CA GLN A 499 27.49 20.70 -12.42
C GLN A 499 26.33 20.85 -13.40
N TYR A 500 25.54 19.80 -13.55
CA TYR A 500 24.38 19.84 -14.43
C TYR A 500 23.19 19.12 -13.76
N ARG A 501 22.60 19.82 -12.80
CA ARG A 501 21.47 19.34 -12.03
C ARG A 501 20.59 18.42 -12.86
N ALA A 502 20.22 18.88 -14.04
CA ALA A 502 19.36 18.10 -14.91
C ALA A 502 19.79 16.64 -14.93
N LEU A 503 21.08 16.41 -15.12
CA LEU A 503 21.62 15.06 -15.18
C LEU A 503 21.40 14.28 -13.90
N ARG A 504 21.36 14.97 -12.76
CA ARG A 504 21.17 14.26 -11.49
C ARG A 504 19.84 14.50 -10.75
N ARG A 505 19.01 15.41 -11.28
CA ARG A 505 17.73 15.68 -10.65
C ARG A 505 16.56 15.85 -11.60
N GLY A 506 16.85 15.97 -12.90
CA GLY A 506 15.78 16.15 -13.88
C GLY A 506 15.02 14.90 -14.24
N ASP A 507 14.06 15.05 -15.15
CA ASP A 507 13.24 13.91 -15.59
C ASP A 507 13.77 13.46 -16.96
N VAL A 508 13.65 12.16 -17.23
CA VAL A 508 14.12 11.62 -18.50
C VAL A 508 13.06 11.91 -19.55
N ALA A 509 13.41 11.77 -20.82
CA ALA A 509 12.49 12.00 -21.91
C ALA A 509 13.10 11.33 -23.13
N PHE A 510 12.64 10.13 -23.45
CA PHE A 510 13.19 9.41 -24.59
C PHE A 510 12.52 9.79 -25.90
N LEU A 511 13.32 10.25 -26.87
CA LEU A 511 12.79 10.61 -28.17
C LEU A 511 12.98 9.42 -29.09
N THR A 512 12.73 8.24 -28.53
CA THR A 512 12.85 6.95 -29.20
C THR A 512 12.15 6.85 -30.57
N ALA A 513 12.66 5.94 -31.39
CA ALA A 513 12.13 5.68 -32.73
C ALA A 513 12.14 4.16 -32.95
N ASP A 514 10.95 3.59 -33.15
CA ASP A 514 10.78 2.15 -33.36
C ASP A 514 11.46 1.71 -34.66
N ASP A 515 12.26 2.63 -35.21
CA ASP A 515 12.99 2.41 -36.47
C ASP A 515 14.50 2.33 -36.22
N GLU A 516 15.02 3.26 -35.42
CA GLU A 516 16.44 3.29 -35.09
C GLU A 516 16.64 2.33 -33.90
N VAL A 517 16.48 1.04 -34.18
CA VAL A 517 16.62 0.00 -33.18
C VAL A 517 17.96 0.05 -32.45
N ASN A 518 18.90 0.86 -32.94
CA ASN A 518 20.22 0.97 -32.32
C ASN A 518 20.62 2.40 -31.98
N HIS A 519 19.70 3.35 -32.19
CA HIS A 519 19.99 4.74 -31.88
C HIS A 519 19.17 5.10 -30.65
N LEU A 520 19.81 5.56 -29.59
CA LEU A 520 19.08 5.94 -28.41
C LEU A 520 19.39 7.38 -28.11
N VAL A 521 18.34 8.19 -27.99
CA VAL A 521 18.52 9.60 -27.67
C VAL A 521 17.48 10.03 -26.67
N TYR A 522 17.95 10.58 -25.56
CA TYR A 522 17.08 11.08 -24.51
C TYR A 522 17.63 12.38 -23.97
N ALA A 523 16.76 13.16 -23.31
CA ALA A 523 17.15 14.45 -22.76
C ALA A 523 16.69 14.63 -21.32
N LYS A 524 17.57 15.18 -20.49
CA LYS A 524 17.25 15.42 -19.09
C LYS A 524 16.92 16.90 -18.98
N THR A 525 15.90 17.21 -18.18
CA THR A 525 15.46 18.58 -17.99
C THR A 525 15.16 18.98 -16.56
N ASP A 526 15.38 20.25 -16.26
CA ASP A 526 15.11 20.81 -14.95
C ASP A 526 14.96 22.33 -15.11
N GLY A 527 13.72 22.77 -15.29
CA GLY A 527 13.45 24.18 -15.47
C GLY A 527 14.07 24.62 -16.77
N ASN A 528 15.07 25.48 -16.70
CA ASN A 528 15.75 25.95 -17.89
C ASN A 528 16.67 24.85 -18.38
N GLU A 529 17.50 24.36 -17.44
CA GLU A 529 18.47 23.32 -17.72
C GLU A 529 17.94 22.11 -18.49
N THR A 530 18.54 21.89 -19.66
CA THR A 530 18.19 20.79 -20.55
C THR A 530 19.45 20.19 -21.15
N VAL A 531 19.66 18.89 -20.91
CA VAL A 531 20.82 18.19 -21.47
C VAL A 531 20.32 17.08 -22.38
N MET A 532 20.87 17.03 -23.57
CA MET A 532 20.50 16.07 -24.60
C MET A 532 21.55 14.97 -24.62
N ILE A 533 21.13 13.72 -24.73
CA ILE A 533 22.08 12.62 -24.80
C ILE A 533 21.82 11.80 -26.04
N ILE A 534 22.87 11.57 -26.82
CA ILE A 534 22.75 10.78 -28.05
C ILE A 534 23.72 9.61 -27.96
N ILE A 535 23.25 8.43 -28.33
CA ILE A 535 24.08 7.23 -28.27
C ILE A 535 23.88 6.31 -29.48
N ASN A 536 24.95 6.02 -30.20
CA ASN A 536 24.87 5.12 -31.33
C ASN A 536 25.35 3.75 -30.86
N ARG A 537 24.43 2.93 -30.38
CA ARG A 537 24.80 1.61 -29.91
C ARG A 537 24.83 0.72 -31.13
N SER A 538 25.73 1.05 -32.04
CA SER A 538 25.90 0.33 -33.31
C SER A 538 27.40 0.16 -33.59
N ASN A 539 27.76 -0.84 -34.40
CA ASN A 539 29.18 -1.01 -34.72
C ASN A 539 29.52 -0.38 -36.06
N GLU A 540 28.80 0.68 -36.42
CA GLU A 540 29.02 1.40 -37.68
C GLU A 540 28.82 2.88 -37.39
N ALA A 541 29.35 3.72 -38.26
CA ALA A 541 29.19 5.15 -38.09
C ALA A 541 27.72 5.42 -38.36
N ALA A 542 27.11 6.23 -37.49
CA ALA A 542 25.70 6.57 -37.63
C ALA A 542 25.48 8.06 -37.75
N GLU A 543 24.29 8.41 -38.20
CA GLU A 543 23.90 9.79 -38.34
C GLU A 543 22.53 9.90 -37.67
N ILE A 544 22.53 10.49 -36.48
CA ILE A 544 21.31 10.60 -35.70
C ILE A 544 20.77 12.02 -35.56
N PRO A 545 19.56 12.26 -36.08
CA PRO A 545 18.88 13.56 -36.03
C PRO A 545 18.41 13.89 -34.62
N MET A 546 18.84 15.05 -34.14
CA MET A 546 18.51 15.48 -32.80
C MET A 546 17.61 16.70 -32.77
N PRO A 547 16.43 16.57 -32.17
CA PRO A 547 15.47 17.68 -32.06
C PRO A 547 16.03 18.85 -31.23
N ILE A 548 16.24 19.98 -31.89
CA ILE A 548 16.75 21.18 -31.24
C ILE A 548 15.57 22.05 -30.82
N ASP A 549 15.45 22.30 -29.53
CA ASP A 549 14.34 23.13 -29.03
C ASP A 549 14.25 24.49 -29.72
N ALA A 550 13.05 24.84 -30.19
CA ALA A 550 12.84 26.11 -30.87
C ALA A 550 13.43 27.27 -30.06
N ARG A 551 13.16 27.27 -28.76
CA ARG A 551 13.62 28.31 -27.84
C ARG A 551 15.14 28.34 -27.59
N GLY A 552 15.89 27.42 -28.21
CA GLY A 552 17.32 27.36 -27.99
C GLY A 552 18.09 28.56 -28.49
N LYS A 553 19.17 28.92 -27.77
CA LYS A 553 20.03 30.04 -28.15
C LYS A 553 21.37 29.51 -28.54
N TRP A 554 21.96 28.72 -27.65
CA TRP A 554 23.27 28.08 -27.85
C TRP A 554 23.09 26.58 -27.73
N LEU A 555 24.16 25.86 -28.01
CA LEU A 555 24.17 24.41 -27.93
C LEU A 555 25.61 24.08 -27.61
N VAL A 556 25.89 23.60 -26.41
CA VAL A 556 27.27 23.28 -26.09
C VAL A 556 27.54 21.82 -25.88
N ASN A 557 28.75 21.41 -26.28
CA ASN A 557 29.21 20.04 -26.14
C ASN A 557 30.00 19.97 -24.85
N LEU A 558 29.42 19.29 -23.86
CA LEU A 558 30.03 19.14 -22.55
C LEU A 558 31.37 18.42 -22.59
N LEU A 559 31.62 17.68 -23.66
CA LEU A 559 32.88 16.95 -23.79
C LEU A 559 33.93 17.77 -24.53
N THR A 560 33.64 18.06 -25.80
CA THR A 560 34.52 18.82 -26.67
C THR A 560 34.63 20.30 -26.26
N GLY A 561 33.57 20.82 -25.64
CA GLY A 561 33.59 22.20 -25.23
C GLY A 561 32.99 23.12 -26.29
N GLU A 562 33.30 22.81 -27.55
CA GLU A 562 32.80 23.57 -28.69
C GLU A 562 31.34 23.96 -28.46
N ARG A 563 31.06 25.26 -28.53
CA ARG A 563 29.70 25.76 -28.32
C ARG A 563 29.16 26.52 -29.52
N PHE A 564 28.33 25.87 -30.32
CA PHE A 564 27.77 26.53 -31.48
C PHE A 564 26.31 26.93 -31.31
N ALA A 565 25.88 27.87 -32.14
CA ALA A 565 24.53 28.37 -32.09
C ALA A 565 23.54 27.41 -32.73
N ALA A 566 22.49 27.07 -32.00
CA ALA A 566 21.47 26.19 -32.51
C ALA A 566 20.72 27.01 -33.54
N GLU A 567 20.11 26.38 -34.53
CA GLU A 567 19.37 27.16 -35.51
C GLU A 567 18.35 26.39 -36.33
N ALA A 568 18.75 25.23 -36.83
CA ALA A 568 17.83 24.42 -37.62
C ALA A 568 16.74 23.83 -36.75
N GLU A 569 15.76 23.18 -37.38
CA GLU A 569 14.67 22.54 -36.63
C GLU A 569 15.28 21.30 -35.97
N THR A 570 16.14 20.64 -36.72
CA THR A 570 16.81 19.42 -36.28
C THR A 570 18.31 19.55 -36.52
N LEU A 571 19.09 18.65 -35.93
CA LEU A 571 20.54 18.64 -36.10
C LEU A 571 21.00 17.21 -36.34
N CYS A 572 21.22 16.83 -37.60
CA CYS A 572 21.68 15.48 -37.87
C CYS A 572 23.05 15.37 -37.21
N VAL A 573 23.16 14.50 -36.20
CA VAL A 573 24.41 14.34 -35.47
C VAL A 573 25.17 13.11 -35.94
N SER A 574 26.38 13.32 -36.45
CA SER A 574 27.20 12.23 -36.95
C SER A 574 28.08 11.69 -35.84
N LEU A 575 28.01 10.38 -35.64
CA LEU A 575 28.78 9.71 -34.59
C LEU A 575 29.40 8.40 -35.09
N PRO A 576 30.59 8.06 -34.58
CA PRO A 576 31.35 6.85 -34.92
C PRO A 576 30.68 5.66 -34.29
N PRO A 577 31.30 4.47 -34.39
CA PRO A 577 30.70 3.28 -33.80
C PRO A 577 30.70 3.31 -32.27
N TYR A 578 29.59 2.88 -31.68
CA TYR A 578 29.41 2.86 -30.22
C TYR A 578 29.77 4.21 -29.61
N GLY A 579 29.49 5.26 -30.37
CA GLY A 579 29.81 6.62 -29.94
C GLY A 579 28.67 7.34 -29.25
N PHE A 580 28.99 8.48 -28.65
CA PHE A 580 28.02 9.29 -27.92
C PHE A 580 28.39 10.77 -27.89
N VAL A 581 27.51 11.57 -27.31
CA VAL A 581 27.73 13.02 -27.20
C VAL A 581 26.68 13.69 -26.32
N LEU A 582 27.13 14.60 -25.46
CA LEU A 582 26.26 15.34 -24.57
C LEU A 582 26.12 16.80 -25.01
N TYR A 583 24.88 17.26 -25.18
CA TYR A 583 24.62 18.63 -25.59
C TYR A 583 23.78 19.38 -24.57
N ALA A 584 24.23 20.57 -24.20
CA ALA A 584 23.49 21.41 -23.24
C ALA A 584 22.82 22.56 -24.01
N VAL A 585 21.49 22.55 -24.06
CA VAL A 585 20.75 23.56 -24.81
C VAL A 585 20.59 24.87 -24.03
N GLU A 586 20.34 25.96 -24.76
CA GLU A 586 20.17 27.27 -24.14
C GLU A 586 18.76 27.88 -24.10
N SER A 587 18.66 29.20 -24.07
CA SER A 587 17.34 29.82 -23.99
C SER A 587 17.32 31.34 -24.20
N TRP A 588 16.98 31.73 -25.42
CA TRP A 588 16.92 33.13 -25.83
C TRP A 588 16.65 33.18 -27.33
N MET B 1 -5.39 -11.76 -27.40
CA MET B 1 -5.59 -11.74 -25.91
C MET B 1 -5.06 -10.41 -25.33
N ARG B 2 -5.99 -9.51 -24.99
CA ARG B 2 -5.68 -8.17 -24.46
C ARG B 2 -4.76 -8.13 -23.24
N LYS B 3 -3.58 -7.56 -23.43
CA LYS B 3 -2.62 -7.47 -22.35
C LYS B 3 -2.87 -6.22 -21.53
N GLU B 4 -3.47 -5.20 -22.15
CA GLU B 4 -3.73 -3.95 -21.45
C GLU B 4 -4.60 -4.19 -20.23
N ALA B 5 -5.36 -5.28 -20.24
CA ALA B 5 -6.26 -5.60 -19.13
C ALA B 5 -5.69 -6.51 -18.04
N ILE B 6 -4.74 -7.38 -18.41
CA ILE B 6 -4.13 -8.30 -17.46
C ILE B 6 -3.34 -7.48 -16.45
N HIS B 7 -3.37 -7.89 -15.17
CA HIS B 7 -2.67 -7.14 -14.15
C HIS B 7 -2.59 -7.83 -12.81
N HIS B 8 -1.48 -7.59 -12.13
CA HIS B 8 -1.22 -8.14 -10.80
C HIS B 8 0.02 -7.44 -10.28
N ARG B 9 0.09 -7.32 -8.97
CA ARG B 9 1.25 -6.73 -8.32
C ARG B 9 1.21 -7.50 -7.03
N SER B 10 2.35 -7.71 -6.40
CA SER B 10 2.38 -8.45 -5.15
C SER B 10 2.16 -7.44 -4.04
N THR B 11 0.89 -7.28 -3.66
CA THR B 11 0.50 -6.34 -2.62
C THR B 11 -1.01 -6.14 -2.60
N ASP B 12 -1.49 -5.54 -1.51
CA ASP B 12 -2.91 -5.26 -1.33
C ASP B 12 -3.83 -6.40 -1.73
N ASN B 13 -4.93 -6.07 -2.38
CA ASN B 13 -5.91 -7.06 -2.78
C ASN B 13 -5.40 -8.07 -3.78
N PHE B 14 -4.27 -7.81 -4.41
CA PHE B 14 -3.75 -8.75 -5.41
C PHE B 14 -2.89 -9.90 -4.89
N ALA B 15 -2.14 -9.65 -3.82
CA ALA B 15 -1.27 -10.66 -3.22
C ALA B 15 -1.13 -10.40 -1.72
N TYR B 16 -1.73 -11.26 -0.91
CA TYR B 16 -1.68 -11.09 0.52
C TYR B 16 -1.77 -12.43 1.26
N ALA B 17 -1.23 -12.45 2.46
CA ALA B 17 -1.25 -13.64 3.29
C ALA B 17 -2.60 -13.70 3.98
N TYR B 18 -3.33 -14.77 3.74
CA TYR B 18 -4.67 -14.95 4.31
C TYR B 18 -4.61 -15.34 5.78
N ASP B 19 -3.71 -16.25 6.10
CA ASP B 19 -3.53 -16.69 7.48
C ASP B 19 -2.07 -17.01 7.71
N SER B 20 -1.82 -17.67 8.82
CA SER B 20 -0.47 -18.05 9.24
C SER B 20 0.37 -18.72 8.17
N GLU B 21 -0.26 -19.59 7.38
CA GLU B 21 0.44 -20.35 6.34
C GLU B 21 -0.23 -20.33 4.97
N THR B 22 -1.05 -19.32 4.70
CA THR B 22 -1.71 -19.26 3.39
C THR B 22 -1.57 -17.92 2.67
N LEU B 23 -1.39 -17.99 1.36
CA LEU B 23 -1.28 -16.79 0.53
C LEU B 23 -2.39 -16.78 -0.51
N HIS B 24 -2.92 -15.61 -0.81
CA HIS B 24 -3.96 -15.48 -1.82
C HIS B 24 -3.38 -14.64 -2.94
N LEU B 25 -3.42 -15.14 -4.17
CA LEU B 25 -2.92 -14.39 -5.31
C LEU B 25 -4.06 -14.23 -6.31
N ARG B 26 -4.40 -12.98 -6.61
CA ARG B 26 -5.48 -12.66 -7.52
C ARG B 26 -4.89 -12.15 -8.82
N LEU B 27 -5.51 -12.52 -9.95
CA LEU B 27 -5.06 -12.07 -11.25
C LEU B 27 -6.17 -11.27 -11.91
N GLN B 28 -5.83 -10.20 -12.60
CA GLN B 28 -6.85 -9.43 -13.26
C GLN B 28 -6.70 -9.61 -14.76
N THR B 29 -7.82 -9.83 -15.45
CA THR B 29 -7.81 -10.03 -16.89
C THR B 29 -9.13 -9.55 -17.49
N LYS B 30 -9.18 -9.37 -18.81
CA LYS B 30 -10.41 -8.92 -19.42
C LYS B 30 -11.51 -9.96 -19.24
N LYS B 31 -12.76 -9.51 -19.21
CA LYS B 31 -13.88 -10.41 -19.05
C LYS B 31 -13.96 -11.36 -20.24
N ASN B 32 -13.94 -12.66 -19.93
CA ASN B 32 -14.02 -13.73 -20.93
C ASN B 32 -12.91 -13.75 -21.96
N ASP B 33 -11.90 -12.93 -21.77
CA ASP B 33 -10.80 -12.86 -22.71
C ASP B 33 -9.86 -14.06 -22.54
N VAL B 34 -9.90 -14.71 -21.40
CA VAL B 34 -9.00 -15.85 -21.16
C VAL B 34 -9.70 -17.13 -20.72
N ASP B 35 -9.41 -18.24 -21.39
CA ASP B 35 -10.03 -19.53 -21.07
C ASP B 35 -9.56 -20.13 -19.75
N HIS B 36 -8.26 -20.22 -19.58
CA HIS B 36 -7.68 -20.78 -18.36
C HIS B 36 -6.48 -19.99 -17.90
N VAL B 37 -6.07 -20.22 -16.65
CA VAL B 37 -4.91 -19.53 -16.10
C VAL B 37 -4.30 -20.32 -14.93
N GLU B 38 -3.02 -20.67 -15.08
CA GLU B 38 -2.32 -21.46 -14.07
C GLU B 38 -1.27 -20.67 -13.31
N LEU B 39 -1.24 -20.88 -12.00
CA LEU B 39 -0.29 -20.21 -11.14
C LEU B 39 1.01 -21.01 -11.20
N LEU B 40 2.05 -20.38 -11.75
CA LEU B 40 3.38 -20.99 -11.87
C LEU B 40 4.19 -20.52 -10.67
N PHE B 41 4.38 -21.39 -9.68
CA PHE B 41 5.10 -20.98 -8.49
C PHE B 41 6.29 -21.86 -8.10
N GLY B 42 6.80 -21.60 -6.89
CA GLY B 42 7.93 -22.34 -6.39
C GLY B 42 8.76 -21.52 -5.41
N ASP B 43 9.62 -22.20 -4.68
CA ASP B 43 10.45 -21.50 -3.71
C ASP B 43 11.53 -20.74 -4.42
N PRO B 44 11.93 -19.62 -3.86
CA PRO B 44 12.97 -18.81 -4.49
C PRO B 44 14.32 -19.49 -4.60
N TYR B 45 14.72 -20.23 -3.57
CA TYR B 45 16.04 -20.85 -3.62
C TYR B 45 16.08 -22.32 -4.01
N GLU B 46 14.93 -22.86 -4.42
CA GLU B 46 14.84 -24.26 -4.85
C GLU B 46 15.53 -24.41 -6.22
N TRP B 47 16.62 -25.15 -6.26
CA TRP B 47 17.32 -25.28 -7.53
C TRP B 47 17.80 -26.69 -7.88
N HIS B 48 18.20 -26.85 -9.14
CA HIS B 48 18.72 -28.12 -9.67
C HIS B 48 18.99 -28.01 -11.17
N ASP B 49 20.22 -28.37 -11.58
CA ASP B 49 20.63 -28.32 -12.98
C ASP B 49 20.82 -26.87 -13.45
N GLY B 50 21.05 -25.97 -12.49
CA GLY B 50 21.22 -24.57 -12.84
C GLY B 50 19.90 -23.97 -13.29
N ALA B 51 18.85 -24.80 -13.26
CA ALA B 51 17.50 -24.39 -13.65
C ALA B 51 16.59 -24.29 -12.43
N TRP B 52 15.89 -23.18 -12.30
CA TRP B 52 14.99 -22.97 -11.18
C TRP B 52 13.84 -23.99 -11.15
N GLN B 53 13.77 -24.78 -10.09
CA GLN B 53 12.72 -25.80 -9.98
C GLN B 53 11.40 -25.22 -9.47
N PHE B 54 10.49 -24.97 -10.40
CA PHE B 54 9.18 -24.42 -10.05
C PHE B 54 8.10 -25.41 -10.47
N GLN B 55 6.92 -25.33 -9.85
CA GLN B 55 5.82 -26.21 -10.22
C GLN B 55 4.60 -25.38 -10.58
N THR B 56 3.51 -26.05 -10.94
CA THR B 56 2.32 -25.34 -11.34
C THR B 56 1.01 -25.92 -10.83
N MET B 57 0.06 -25.03 -10.52
CA MET B 57 -1.26 -25.43 -10.07
C MET B 57 -2.17 -24.43 -10.77
N PRO B 58 -3.44 -24.80 -11.01
CA PRO B 58 -4.37 -23.91 -11.68
C PRO B 58 -5.26 -23.07 -10.77
N MET B 59 -5.51 -21.83 -11.19
CA MET B 59 -6.32 -20.89 -10.44
C MET B 59 -7.79 -20.93 -10.86
N ARG B 60 -8.67 -20.63 -9.91
CA ARG B 60 -10.10 -20.62 -10.17
C ARG B 60 -10.64 -19.21 -10.36
N LYS B 61 -11.57 -19.07 -11.29
CA LYS B 61 -12.23 -17.79 -11.59
C LYS B 61 -13.09 -17.48 -10.37
N THR B 62 -12.77 -16.45 -9.61
CA THR B 62 -13.59 -16.17 -8.44
C THR B 62 -14.70 -15.17 -8.69
N GLY B 63 -14.93 -14.84 -9.96
CA GLY B 63 -16.00 -13.89 -10.26
C GLY B 63 -15.50 -12.79 -11.14
N SER B 64 -16.37 -11.83 -11.46
CA SER B 64 -15.97 -10.72 -12.31
C SER B 64 -16.95 -9.57 -12.21
N ASP B 65 -16.46 -8.35 -12.45
CA ASP B 65 -17.32 -7.20 -12.42
C ASP B 65 -17.69 -6.93 -13.87
N GLY B 66 -17.84 -5.67 -14.24
CA GLY B 66 -18.18 -5.35 -15.63
C GLY B 66 -17.09 -5.58 -16.67
N LEU B 67 -15.88 -5.10 -16.37
CA LEU B 67 -14.72 -5.19 -17.27
C LEU B 67 -13.73 -6.34 -17.08
N PHE B 68 -13.67 -6.96 -15.91
CA PHE B 68 -12.68 -8.03 -15.71
C PHE B 68 -13.19 -9.27 -15.07
N ASP B 69 -12.48 -10.37 -15.28
CA ASP B 69 -12.79 -11.64 -14.63
C ASP B 69 -11.71 -11.60 -13.54
N TYR B 70 -11.79 -12.47 -12.56
CA TYR B 70 -10.80 -12.48 -11.48
C TYR B 70 -10.41 -13.89 -11.09
N TRP B 71 -9.11 -14.10 -10.89
CA TRP B 71 -8.63 -15.42 -10.51
C TRP B 71 -7.95 -15.46 -9.15
N LEU B 72 -8.12 -16.56 -8.44
CA LEU B 72 -7.50 -16.70 -7.13
C LEU B 72 -6.72 -17.99 -6.96
N ALA B 73 -5.52 -17.86 -6.42
CA ALA B 73 -4.68 -19.02 -6.17
C ALA B 73 -4.38 -19.08 -4.69
N GLU B 74 -4.81 -20.17 -4.05
CA GLU B 74 -4.56 -20.35 -2.63
C GLU B 74 -3.35 -21.26 -2.53
N VAL B 75 -2.22 -20.68 -2.15
CA VAL B 75 -1.00 -21.46 -2.05
C VAL B 75 -0.36 -21.48 -0.67
N LYS B 76 0.13 -22.66 -0.31
CA LYS B 76 0.80 -22.90 0.96
C LYS B 76 2.29 -23.00 0.64
N PRO B 77 3.00 -21.86 0.67
CA PRO B 77 4.44 -21.88 0.37
C PRO B 77 5.27 -22.49 1.51
N PRO B 78 6.03 -23.55 1.21
CA PRO B 78 6.86 -24.19 2.24
C PRO B 78 8.06 -23.28 2.45
N TYR B 79 8.61 -23.28 3.66
CA TYR B 79 9.75 -22.42 3.94
C TYR B 79 9.27 -20.96 3.88
N ARG B 80 7.95 -20.80 3.71
CA ARG B 80 7.28 -19.51 3.65
C ARG B 80 7.65 -18.52 2.56
N ARG B 81 8.63 -18.82 1.71
CA ARG B 81 8.95 -17.86 0.66
C ARG B 81 8.42 -18.30 -0.70
N LEU B 82 8.30 -17.34 -1.63
CA LEU B 82 7.77 -17.64 -2.95
C LEU B 82 8.06 -16.59 -4.04
N ARG B 83 8.42 -17.10 -5.22
CA ARG B 83 8.67 -16.33 -6.46
C ARG B 83 7.60 -16.99 -7.33
N TYR B 84 6.83 -16.22 -8.09
CA TYR B 84 5.76 -16.83 -8.87
C TYR B 84 5.39 -16.07 -10.12
N GLY B 85 4.72 -16.77 -11.03
CA GLY B 85 4.29 -16.17 -12.28
C GLY B 85 2.99 -16.78 -12.73
N PHE B 86 2.31 -16.11 -13.65
CA PHE B 86 1.05 -16.61 -14.16
C PHE B 86 1.18 -17.11 -15.60
N VAL B 87 0.38 -18.12 -15.94
CA VAL B 87 0.38 -18.70 -17.28
C VAL B 87 -1.06 -18.72 -17.78
N LEU B 88 -1.42 -17.75 -18.62
CA LEU B 88 -2.77 -17.68 -19.12
C LEU B 88 -2.92 -18.15 -20.55
N ARG B 89 -3.76 -19.16 -20.72
CA ARG B 89 -4.04 -19.76 -22.01
C ARG B 89 -5.25 -19.10 -22.64
N ALA B 90 -5.50 -19.48 -23.88
CA ALA B 90 -6.64 -18.96 -24.64
C ALA B 90 -6.94 -19.86 -25.84
N GLY B 91 -7.29 -19.25 -26.96
CA GLY B 91 -7.60 -20.01 -28.15
C GLY B 91 -6.39 -20.62 -28.80
N GLY B 92 -5.46 -21.12 -27.98
CA GLY B 92 -4.25 -21.70 -28.52
C GLY B 92 -3.09 -20.79 -28.21
N GLU B 93 -3.42 -19.54 -27.90
CA GLU B 93 -2.42 -18.55 -27.53
C GLU B 93 -2.07 -18.94 -26.08
N LYS B 94 -0.77 -19.00 -25.77
CA LYS B 94 -0.37 -19.37 -24.41
C LYS B 94 0.71 -18.39 -23.92
N LEU B 95 0.30 -17.47 -23.05
CA LEU B 95 1.19 -16.44 -22.51
C LEU B 95 1.64 -16.68 -21.07
N VAL B 96 2.85 -16.20 -20.75
CA VAL B 96 3.42 -16.31 -19.41
C VAL B 96 3.64 -14.90 -18.86
N TYR B 97 2.87 -14.57 -17.83
CA TYR B 97 2.92 -13.25 -17.22
C TYR B 97 3.85 -13.22 -16.01
N THR B 98 4.85 -12.35 -16.07
CA THR B 98 5.79 -12.20 -14.97
C THR B 98 5.94 -10.71 -14.69
N GLU B 99 6.44 -10.39 -13.52
CA GLU B 99 6.63 -9.00 -13.14
C GLU B 99 7.50 -8.32 -14.19
N LYS B 100 8.45 -9.07 -14.73
CA LYS B 100 9.38 -8.56 -15.72
C LYS B 100 8.75 -8.35 -17.09
N GLY B 101 7.58 -8.94 -17.32
CA GLY B 101 6.91 -8.78 -18.60
C GLY B 101 6.17 -10.02 -19.11
N PHE B 102 5.85 -10.03 -20.41
CA PHE B 102 5.15 -11.14 -21.06
C PHE B 102 6.09 -12.02 -21.87
N TYR B 103 5.96 -13.33 -21.75
CA TYR B 103 6.82 -14.26 -22.47
C TYR B 103 5.98 -15.42 -23.00
N HIS B 104 6.39 -16.00 -24.13
CA HIS B 104 5.65 -17.12 -24.70
C HIS B 104 6.04 -18.41 -24.01
N GLU B 105 7.08 -18.34 -23.18
CA GLU B 105 7.54 -19.50 -22.45
C GLU B 105 8.23 -19.18 -21.13
N ALA B 106 7.75 -19.80 -20.07
CA ALA B 106 8.27 -19.60 -18.73
C ALA B 106 9.79 -19.69 -18.64
N PRO B 107 10.46 -18.57 -18.31
CA PRO B 107 11.92 -18.51 -18.16
C PRO B 107 12.36 -19.38 -16.99
N SER B 108 13.58 -19.91 -17.05
CA SER B 108 14.07 -20.78 -15.98
C SER B 108 15.53 -20.57 -15.58
N ASP B 109 16.18 -19.58 -16.18
CA ASP B 109 17.58 -19.29 -15.91
C ASP B 109 17.81 -18.45 -14.66
N ASP B 110 16.75 -17.81 -14.16
CA ASP B 110 16.86 -16.95 -12.99
C ASP B 110 15.50 -16.38 -12.57
N THR B 111 15.17 -16.52 -11.29
CA THR B 111 13.90 -16.07 -10.75
C THR B 111 13.57 -14.58 -10.90
N ALA B 112 14.58 -13.75 -11.15
CA ALA B 112 14.37 -12.32 -11.30
C ALA B 112 13.13 -11.91 -12.09
N TYR B 113 12.75 -12.73 -13.08
CA TYR B 113 11.60 -12.44 -13.93
C TYR B 113 10.26 -12.45 -13.23
N TYR B 114 10.13 -13.33 -12.24
CA TYR B 114 8.88 -13.50 -11.51
C TYR B 114 8.52 -12.52 -10.39
N PHE B 115 7.23 -12.56 -10.01
CA PHE B 115 6.67 -11.73 -8.94
C PHE B 115 7.21 -12.34 -7.67
N CYS B 116 7.19 -11.58 -6.58
CA CYS B 116 7.72 -12.13 -5.35
C CYS B 116 7.08 -11.75 -4.03
N PHE B 117 6.73 -12.78 -3.26
CA PHE B 117 6.17 -12.58 -1.95
C PHE B 117 7.21 -13.24 -1.05
N PRO B 118 8.19 -12.43 -0.61
CA PRO B 118 9.36 -12.66 0.24
C PRO B 118 9.21 -13.69 1.33
N PHE B 119 8.65 -13.26 2.47
CA PHE B 119 8.43 -14.15 3.59
C PHE B 119 6.99 -13.93 4.06
N LEU B 120 6.41 -14.95 4.67
CA LEU B 120 5.05 -14.85 5.14
C LEU B 120 5.08 -14.64 6.64
N HIS B 121 5.50 -13.46 7.06
CA HIS B 121 5.58 -13.12 8.48
C HIS B 121 4.18 -13.11 9.09
N ARG B 122 4.09 -13.58 10.34
CA ARG B 122 2.82 -13.64 11.06
C ARG B 122 2.40 -12.30 11.65
N VAL B 123 3.39 -11.52 12.07
CA VAL B 123 3.14 -10.22 12.67
C VAL B 123 2.56 -9.17 11.72
N ASP B 124 2.84 -9.29 10.41
CA ASP B 124 2.33 -8.32 9.45
C ASP B 124 0.95 -8.73 8.96
N LEU B 125 0.58 -9.96 9.29
CA LEU B 125 -0.70 -10.52 8.90
C LEU B 125 -1.90 -9.71 9.40
N PHE B 126 -2.86 -9.48 8.51
CA PHE B 126 -4.08 -8.74 8.84
C PHE B 126 -5.04 -9.64 9.64
N GLN B 127 -5.36 -9.24 10.87
CA GLN B 127 -6.27 -10.00 11.74
C GLN B 127 -7.24 -9.12 12.50
N ALA B 128 -8.46 -9.00 11.98
CA ALA B 128 -9.47 -8.21 12.68
C ALA B 128 -10.09 -9.21 13.65
N PRO B 129 -10.56 -8.73 14.80
CA PRO B 129 -11.19 -9.58 15.82
C PRO B 129 -12.02 -10.65 15.13
N ASP B 130 -12.36 -11.75 15.80
CA ASP B 130 -13.16 -12.75 15.09
C ASP B 130 -14.67 -12.55 15.28
N TRP B 131 -15.12 -12.28 16.50
CA TRP B 131 -16.55 -12.12 16.74
C TRP B 131 -17.29 -11.18 15.80
N VAL B 132 -16.72 -10.03 15.46
CA VAL B 132 -17.42 -9.12 14.58
C VAL B 132 -18.03 -9.85 13.39
N LYS B 133 -17.37 -10.92 12.94
CA LYS B 133 -17.91 -11.68 11.82
C LYS B 133 -19.20 -12.38 12.26
N ASP B 134 -19.27 -12.76 13.52
CA ASP B 134 -20.46 -13.44 13.99
C ASP B 134 -21.43 -12.55 14.77
N THR B 135 -21.66 -11.33 14.31
CA THR B 135 -22.59 -10.48 15.05
C THR B 135 -23.38 -9.56 14.13
N VAL B 136 -24.49 -9.06 14.64
CA VAL B 136 -25.34 -8.12 13.92
C VAL B 136 -25.43 -6.88 14.80
N TRP B 137 -25.14 -5.72 14.22
CA TRP B 137 -25.16 -4.49 15.00
C TRP B 137 -26.43 -3.65 14.91
N TYR B 138 -26.82 -3.14 16.06
CA TYR B 138 -27.98 -2.26 16.19
C TYR B 138 -27.30 -0.94 16.54
N GLN B 139 -27.64 0.14 15.84
CA GLN B 139 -27.02 1.43 16.13
C GLN B 139 -28.05 2.36 16.73
N ILE B 140 -27.75 2.98 17.86
CA ILE B 140 -28.73 3.88 18.45
C ILE B 140 -28.18 5.27 18.70
N PHE B 141 -28.99 6.28 18.39
CA PHE B 141 -28.65 7.69 18.55
C PHE B 141 -29.30 8.07 19.88
N PRO B 142 -28.55 7.96 21.00
CA PRO B 142 -28.91 8.23 22.40
C PRO B 142 -30.03 9.23 22.71
N GLU B 143 -29.94 10.40 22.08
CA GLU B 143 -30.91 11.46 22.30
C GLU B 143 -32.31 11.20 21.77
N ARG B 144 -32.50 10.12 21.01
CA ARG B 144 -33.82 9.82 20.44
C ARG B 144 -34.31 8.39 20.59
N PHE B 145 -33.67 7.59 21.46
CA PHE B 145 -34.08 6.19 21.63
C PHE B 145 -35.12 5.99 22.71
N ALA B 146 -34.66 5.96 23.95
CA ALA B 146 -35.56 5.78 25.09
C ALA B 146 -35.15 6.76 26.19
N ASN B 147 -36.15 7.25 26.92
CA ASN B 147 -35.91 8.19 28.00
C ASN B 147 -36.15 7.59 29.37
N GLY B 148 -35.06 7.29 30.06
CA GLY B 148 -35.15 6.75 31.40
C GLY B 148 -35.08 7.96 32.31
N ASN B 149 -34.57 7.78 33.52
CA ASN B 149 -34.44 8.90 34.46
C ASN B 149 -34.27 10.28 33.79
N PRO B 150 -35.32 11.13 33.82
CA PRO B 150 -35.20 12.44 33.20
C PRO B 150 -34.24 13.46 33.86
N ALA B 151 -32.94 13.20 33.65
CA ALA B 151 -31.83 14.04 34.09
C ALA B 151 -31.58 14.83 32.80
N ILE B 152 -32.57 14.73 31.92
CA ILE B 152 -32.62 15.33 30.60
C ILE B 152 -32.62 16.84 30.65
N SER B 153 -32.34 17.44 29.50
CA SER B 153 -32.31 18.89 29.40
C SER B 153 -33.74 19.44 29.33
N PRO B 154 -33.91 20.77 29.37
CA PRO B 154 -35.24 21.37 29.31
C PRO B 154 -35.73 21.62 27.87
N LYS B 155 -36.59 20.73 27.35
CA LYS B 155 -37.11 20.86 25.98
C LYS B 155 -38.30 19.96 25.65
N GLY B 156 -38.81 20.10 24.43
CA GLY B 156 -39.95 19.34 23.96
C GLY B 156 -39.88 17.87 24.32
N ALA B 157 -40.91 17.37 25.00
CA ALA B 157 -40.98 15.95 25.40
C ALA B 157 -41.78 15.18 24.34
N ARG B 158 -41.16 14.15 23.77
CA ARG B 158 -41.74 13.33 22.72
C ARG B 158 -42.48 14.08 21.58
N PRO B 159 -42.44 13.51 20.36
CA PRO B 159 -43.01 13.96 19.08
C PRO B 159 -43.91 15.21 19.00
N TRP B 160 -44.90 15.10 18.12
CA TRP B 160 -45.91 16.13 17.80
C TRP B 160 -46.78 15.50 16.69
N GLY B 161 -46.12 15.22 15.57
CA GLY B 161 -46.75 14.60 14.42
C GLY B 161 -45.99 13.32 14.14
N SER B 162 -46.28 12.67 13.02
CA SER B 162 -45.59 11.42 12.67
C SER B 162 -44.20 11.66 12.09
N GLU B 163 -43.96 12.89 11.64
CA GLU B 163 -42.67 13.26 11.04
C GLU B 163 -42.32 14.74 11.31
N ASP B 164 -43.19 15.43 12.04
CA ASP B 164 -42.98 16.84 12.32
C ASP B 164 -41.74 17.21 13.17
N PRO B 165 -41.78 16.94 14.50
CA PRO B 165 -40.62 17.29 15.35
C PRO B 165 -39.25 16.98 14.75
N THR B 166 -38.21 17.51 15.39
CA THR B 166 -36.81 17.33 14.99
C THR B 166 -36.29 18.45 14.07
N PRO B 167 -35.70 19.49 14.66
CA PRO B 167 -35.17 20.60 13.87
C PRO B 167 -33.65 20.66 13.99
N THR B 168 -33.21 20.44 15.22
CA THR B 168 -31.82 20.46 15.69
C THR B 168 -31.96 20.96 17.15
N SER B 169 -32.75 20.19 17.91
CA SER B 169 -33.02 20.46 19.32
C SER B 169 -33.71 19.28 20.01
N PHE B 170 -33.20 18.97 21.19
CA PHE B 170 -33.56 17.87 22.11
C PHE B 170 -34.95 17.29 22.36
N PHE B 171 -34.92 16.09 22.96
CA PHE B 171 -36.11 15.33 23.32
C PHE B 171 -35.92 14.56 24.63
N GLY B 172 -34.67 14.38 25.07
CA GLY B 172 -34.45 13.70 26.32
C GLY B 172 -33.93 12.28 26.36
N GLY B 173 -33.28 11.83 25.30
CA GLY B 173 -32.75 10.49 25.33
C GLY B 173 -31.66 10.44 26.39
N ASP B 174 -31.39 9.26 26.93
CA ASP B 174 -30.34 9.10 27.93
C ASP B 174 -30.00 7.61 28.04
N LEU B 175 -28.83 7.32 28.62
CA LEU B 175 -28.39 5.95 28.76
C LEU B 175 -29.37 5.05 29.48
N GLN B 176 -29.87 5.49 30.63
CA GLN B 176 -30.83 4.68 31.37
C GLN B 176 -31.81 4.05 30.38
N GLY B 177 -32.26 4.85 29.41
CA GLY B 177 -33.20 4.36 28.42
C GLY B 177 -32.74 3.08 27.74
N ILE B 178 -31.60 3.17 27.07
CA ILE B 178 -31.03 2.02 26.39
C ILE B 178 -31.21 0.81 27.29
N ILE B 179 -30.78 0.93 28.54
CA ILE B 179 -30.89 -0.16 29.50
C ILE B 179 -32.31 -0.69 29.62
N ASP B 180 -33.25 0.22 29.82
CA ASP B 180 -34.66 -0.13 30.01
C ASP B 180 -35.34 -0.80 28.82
N HIS B 181 -34.62 -1.00 27.73
CA HIS B 181 -35.25 -1.63 26.57
C HIS B 181 -34.36 -2.73 25.98
N LEU B 182 -33.45 -3.24 26.80
CA LEU B 182 -32.55 -4.28 26.33
C LEU B 182 -33.38 -5.46 25.83
N ASP B 183 -34.31 -5.90 26.65
CA ASP B 183 -35.19 -7.02 26.30
C ASP B 183 -35.57 -6.94 24.83
N TYR B 184 -36.03 -5.75 24.42
CA TYR B 184 -36.44 -5.51 23.03
C TYR B 184 -35.33 -5.97 22.11
N LEU B 185 -34.14 -5.41 22.31
CA LEU B 185 -32.98 -5.76 21.50
C LEU B 185 -32.68 -7.25 21.64
N ALA B 186 -32.44 -7.69 22.87
CA ALA B 186 -32.15 -9.09 23.13
C ALA B 186 -33.12 -9.96 22.34
N ASP B 187 -34.39 -9.55 22.30
CA ASP B 187 -35.39 -10.33 21.59
C ASP B 187 -35.24 -10.23 20.08
N LEU B 188 -34.92 -9.03 19.58
CA LEU B 188 -34.76 -8.85 18.16
C LEU B 188 -33.64 -9.77 17.70
N GLY B 189 -32.69 -10.01 18.61
CA GLY B 189 -31.58 -10.90 18.28
C GLY B 189 -30.24 -10.26 18.08
N ILE B 190 -30.20 -8.93 17.96
CA ILE B 190 -28.94 -8.21 17.76
C ILE B 190 -27.95 -8.56 18.89
N THR B 191 -26.65 -8.46 18.60
CA THR B 191 -25.65 -8.84 19.60
C THR B 191 -24.51 -7.87 19.77
N GLY B 192 -24.81 -6.61 19.50
CA GLY B 192 -23.81 -5.58 19.62
C GLY B 192 -24.39 -4.22 19.30
N ILE B 193 -24.33 -3.31 20.26
CA ILE B 193 -24.85 -1.99 20.00
C ILE B 193 -23.73 -1.01 19.78
N TYR B 194 -23.92 -0.15 18.81
CA TYR B 194 -22.96 0.88 18.48
C TYR B 194 -23.75 2.14 18.74
N LEU B 195 -23.28 2.96 19.66
CA LEU B 195 -24.02 4.17 19.93
C LEU B 195 -23.25 5.45 19.69
N THR B 196 -23.93 6.38 19.04
CA THR B 196 -23.42 7.69 18.71
C THR B 196 -22.69 8.29 19.92
N PRO B 197 -21.83 9.31 19.70
CA PRO B 197 -21.06 9.97 20.77
C PRO B 197 -21.87 10.35 22.00
N ILE B 198 -21.30 10.08 23.18
CA ILE B 198 -21.96 10.38 24.44
C ILE B 198 -21.08 11.10 25.44
N PHE B 199 -20.20 11.98 24.97
CA PHE B 199 -19.32 12.71 25.88
C PHE B 199 -19.78 14.17 26.02
N ARG B 200 -19.64 14.73 27.22
CA ARG B 200 -20.04 16.11 27.47
C ARG B 200 -19.97 16.96 26.20
N ALA B 201 -21.12 17.39 25.72
CA ALA B 201 -21.18 18.22 24.51
C ALA B 201 -22.55 18.89 24.40
N PRO B 202 -22.56 20.19 24.03
CA PRO B 202 -23.79 20.98 23.89
C PRO B 202 -24.49 20.80 22.54
N SER B 203 -25.04 19.62 22.31
CA SER B 203 -25.72 19.35 21.05
C SER B 203 -26.50 18.05 21.10
N ASN B 204 -27.69 18.03 20.50
CA ASN B 204 -28.48 16.82 20.51
C ASN B 204 -27.59 15.66 20.04
N HIS B 205 -26.68 15.97 19.12
CA HIS B 205 -25.71 14.98 18.61
C HIS B 205 -24.42 15.27 19.37
N LYS B 206 -23.56 14.28 19.54
CA LYS B 206 -22.36 14.54 20.33
C LYS B 206 -21.02 14.53 19.61
N TYR B 207 -20.95 15.16 18.44
CA TYR B 207 -19.69 15.23 17.69
C TYR B 207 -19.03 16.58 17.95
N ASP B 208 -19.82 17.47 18.52
CA ASP B 208 -19.43 18.83 18.90
C ASP B 208 -18.59 18.77 20.19
N THR B 209 -18.16 17.55 20.53
CA THR B 209 -17.38 17.21 21.73
C THR B 209 -16.67 18.33 22.49
N ALA B 210 -16.87 18.36 23.81
CA ALA B 210 -16.26 19.38 24.66
C ALA B 210 -15.33 18.80 25.74
N ASP B 211 -15.46 17.50 26.00
CA ASP B 211 -14.61 16.83 26.98
C ASP B 211 -14.69 15.33 26.76
N TYR B 212 -13.59 14.74 26.29
CA TYR B 212 -13.53 13.31 26.02
C TYR B 212 -13.37 12.42 27.25
N PHE B 213 -13.41 13.02 28.43
CA PHE B 213 -13.24 12.27 29.68
C PHE B 213 -14.46 12.26 30.57
N GLU B 214 -15.56 12.80 30.06
CA GLU B 214 -16.76 12.86 30.86
C GLU B 214 -18.01 12.59 30.04
N ILE B 215 -18.85 11.68 30.53
CA ILE B 215 -20.09 11.35 29.84
C ILE B 215 -21.04 12.51 29.99
N ASP B 216 -21.44 13.12 28.88
CA ASP B 216 -22.38 14.24 28.93
C ASP B 216 -23.44 13.86 29.98
N PRO B 217 -23.67 14.73 30.97
CA PRO B 217 -24.66 14.47 32.02
C PRO B 217 -26.02 14.02 31.49
N HIS B 218 -26.59 14.81 30.58
CA HIS B 218 -27.90 14.53 29.99
C HIS B 218 -28.12 13.07 29.56
N PHE B 219 -27.06 12.29 29.48
CA PHE B 219 -27.21 10.89 29.11
C PHE B 219 -27.05 10.01 30.33
N GLY B 220 -26.24 10.47 31.29
CA GLY B 220 -26.05 9.68 32.49
C GLY B 220 -24.74 9.99 33.19
N ASP B 221 -24.17 8.98 33.85
CA ASP B 221 -22.93 9.13 34.57
C ASP B 221 -22.15 7.82 34.57
N LYS B 222 -20.87 7.90 34.93
CA LYS B 222 -19.99 6.73 34.97
C LYS B 222 -20.69 5.46 35.41
N GLU B 223 -21.39 5.53 36.54
CA GLU B 223 -22.08 4.38 37.07
C GLU B 223 -23.10 3.81 36.11
N THR B 224 -23.82 4.69 35.42
CA THR B 224 -24.84 4.26 34.49
C THR B 224 -24.24 3.36 33.41
N LEU B 225 -23.16 3.85 32.80
CA LEU B 225 -22.49 3.13 31.73
C LEU B 225 -22.03 1.76 32.16
N LYS B 226 -21.18 1.70 33.18
CA LYS B 226 -20.68 0.43 33.68
C LYS B 226 -21.81 -0.59 33.69
N THR B 227 -23.01 -0.10 33.96
CA THR B 227 -24.20 -0.95 34.00
C THR B 227 -24.59 -1.39 32.58
N LEU B 228 -24.85 -0.41 31.72
CA LEU B 228 -25.22 -0.69 30.34
C LEU B 228 -24.24 -1.72 29.86
N VAL B 229 -22.96 -1.39 30.00
CA VAL B 229 -21.91 -2.27 29.58
C VAL B 229 -21.92 -3.58 30.34
N LYS B 230 -22.05 -3.51 31.66
CA LYS B 230 -22.06 -4.73 32.48
C LYS B 230 -23.20 -5.64 32.04
N ARG B 231 -24.37 -5.04 31.84
CA ARG B 231 -25.55 -5.79 31.45
C ARG B 231 -25.51 -6.32 30.01
N CYS B 232 -25.09 -5.50 29.05
CA CYS B 232 -25.02 -5.93 27.68
C CYS B 232 -24.22 -7.21 27.54
N HIS B 233 -22.98 -7.18 28.00
CA HIS B 233 -22.14 -8.37 27.96
C HIS B 233 -22.92 -9.52 28.55
N GLU B 234 -23.48 -9.30 29.74
CA GLU B 234 -24.25 -10.32 30.43
C GLU B 234 -25.21 -10.99 29.43
N LYS B 235 -25.78 -10.17 28.54
CA LYS B 235 -26.73 -10.64 27.53
C LYS B 235 -26.09 -11.09 26.21
N GLY B 236 -24.76 -11.01 26.12
CA GLY B 236 -24.09 -11.40 24.90
C GLY B 236 -23.99 -10.28 23.88
N ILE B 237 -24.30 -9.06 24.30
CA ILE B 237 -24.22 -7.89 23.40
C ILE B 237 -22.93 -7.13 23.65
N ARG B 238 -22.22 -6.81 22.55
CA ARG B 238 -20.97 -6.07 22.61
C ARG B 238 -21.29 -4.58 22.52
N VAL B 239 -20.38 -3.75 23.00
CA VAL B 239 -20.58 -2.33 22.94
C VAL B 239 -19.48 -1.60 22.19
N MET B 240 -19.89 -0.77 21.24
CA MET B 240 -18.95 0.03 20.47
C MET B 240 -19.27 1.49 20.76
N LEU B 241 -18.25 2.34 20.77
CA LEU B 241 -18.43 3.76 21.03
C LEU B 241 -17.89 4.63 19.90
N ASP B 242 -18.37 5.86 19.85
CA ASP B 242 -17.94 6.78 18.80
C ASP B 242 -16.82 7.71 19.25
N ALA B 243 -15.65 7.53 18.64
CA ALA B 243 -14.50 8.34 18.95
C ALA B 243 -14.39 9.48 17.94
N VAL B 244 -14.55 10.72 18.43
CA VAL B 244 -14.44 11.88 17.55
C VAL B 244 -13.09 12.59 17.71
N PHE B 245 -12.08 12.13 16.97
CA PHE B 245 -10.75 12.70 17.06
C PHE B 245 -10.33 13.68 15.98
N ASN B 246 -10.88 13.57 14.78
CA ASN B 246 -10.48 14.49 13.73
C ASN B 246 -10.67 15.95 14.12
N HIS B 247 -11.58 16.20 15.04
CA HIS B 247 -11.86 17.56 15.49
C HIS B 247 -12.55 17.58 16.85
N CYS B 248 -12.44 18.71 17.54
CA CYS B 248 -13.05 18.89 18.85
C CYS B 248 -14.23 19.83 18.77
N GLY B 249 -14.84 20.10 19.92
CA GLY B 249 -15.97 21.01 19.98
C GLY B 249 -15.48 22.43 20.13
N TYR B 250 -16.39 23.39 20.17
CA TYR B 250 -16.01 24.78 20.32
C TYR B 250 -15.81 25.08 21.81
N GLU B 251 -16.48 24.29 22.66
CA GLU B 251 -16.42 24.46 24.11
C GLU B 251 -15.33 23.59 24.73
N PHE B 252 -14.43 23.08 23.89
CA PHE B 252 -13.30 22.24 24.31
C PHE B 252 -12.26 23.10 25.02
N ALA B 253 -12.05 22.84 26.30
CA ALA B 253 -11.11 23.59 27.15
C ALA B 253 -9.87 24.15 26.44
N PRO B 254 -8.99 23.27 25.93
CA PRO B 254 -7.77 23.69 25.24
C PRO B 254 -8.03 24.69 24.13
N PHE B 255 -9.10 24.49 23.35
CA PHE B 255 -9.43 25.42 22.27
C PHE B 255 -10.02 26.69 22.88
N GLN B 256 -10.78 26.53 23.96
CA GLN B 256 -11.36 27.68 24.62
C GLN B 256 -10.20 28.61 24.97
N ASP B 257 -9.23 28.07 25.71
CA ASP B 257 -8.06 28.85 26.10
C ASP B 257 -7.51 29.67 24.94
N VAL B 258 -7.15 28.99 23.87
CA VAL B 258 -6.59 29.63 22.68
C VAL B 258 -7.43 30.81 22.18
N LEU B 259 -8.70 30.85 22.56
CA LEU B 259 -9.59 31.93 22.11
C LEU B 259 -9.31 33.27 22.78
N LYS B 260 -9.02 33.24 24.07
CA LYS B 260 -8.76 34.48 24.81
C LYS B 260 -7.30 34.92 24.81
N ASN B 261 -6.39 34.04 24.39
CA ASN B 261 -4.96 34.39 24.37
C ASN B 261 -4.36 34.42 22.99
N GLY B 262 -4.67 33.40 22.19
CA GLY B 262 -4.14 33.32 20.85
C GLY B 262 -2.67 32.96 20.83
N ALA B 263 -1.86 33.85 20.27
CA ALA B 263 -0.42 33.63 20.17
C ALA B 263 0.20 33.21 21.49
N ALA B 264 -0.52 33.42 22.59
CA ALA B 264 -0.04 33.05 23.91
C ALA B 264 -0.34 31.58 24.22
N SER B 265 -1.54 31.35 24.75
CA SER B 265 -2.04 30.02 25.11
C SER B 265 -1.10 28.84 24.87
N ARG B 266 -0.78 28.12 25.94
CA ARG B 266 0.09 26.95 25.87
C ARG B 266 -0.34 26.02 24.74
N TYR B 267 -1.63 26.01 24.45
CA TYR B 267 -2.20 25.12 23.45
C TYR B 267 -2.19 25.58 21.99
N LYS B 268 -1.48 26.65 21.69
CA LYS B 268 -1.43 27.16 20.32
C LYS B 268 -1.16 26.10 19.26
N ASP B 269 -0.34 25.11 19.59
CA ASP B 269 0.03 24.05 18.65
C ASP B 269 -0.96 22.90 18.55
N TRP B 270 -1.83 22.77 19.53
CA TRP B 270 -2.82 21.69 19.54
C TRP B 270 -3.72 21.65 18.31
N PHE B 271 -3.82 22.76 17.57
CA PHE B 271 -4.67 22.80 16.40
C PHE B 271 -3.93 23.20 15.13
N HIS B 272 -4.67 23.75 14.16
CA HIS B 272 -4.10 24.22 12.90
C HIS B 272 -4.54 25.66 12.70
N ILE B 273 -3.65 26.62 12.93
CA ILE B 273 -4.04 28.01 12.73
C ILE B 273 -3.00 28.76 11.91
N ARG B 274 -3.44 29.32 10.79
CA ARG B 274 -2.56 30.07 9.89
C ARG B 274 -2.35 31.45 10.52
N GLU B 275 -3.23 32.36 10.14
CA GLU B 275 -3.20 33.72 10.65
C GLU B 275 -3.61 33.61 12.13
N PHE B 276 -2.93 34.34 13.02
CA PHE B 276 -3.29 34.21 14.42
C PHE B 276 -4.42 35.07 14.97
N PRO B 277 -4.83 36.12 14.26
CA PRO B 277 -5.94 36.87 14.85
C PRO B 277 -7.21 36.02 14.63
N LEU B 278 -7.15 34.77 15.08
CA LEU B 278 -8.22 33.78 14.97
C LEU B 278 -9.57 34.42 14.68
N GLN B 279 -10.09 34.19 13.48
CA GLN B 279 -11.37 34.77 13.08
C GLN B 279 -12.24 33.80 12.28
N THR B 280 -13.53 33.82 12.57
CA THR B 280 -14.48 32.96 11.88
C THR B 280 -15.40 33.81 11.01
N GLU B 281 -14.79 34.78 10.33
CA GLU B 281 -15.53 35.71 9.47
C GLU B 281 -16.06 35.03 8.19
N PRO B 282 -15.60 35.42 6.97
CA PRO B 282 -16.17 34.71 5.82
C PRO B 282 -16.14 33.19 5.99
N ARG B 283 -15.08 32.72 6.64
CA ARG B 283 -14.86 31.32 6.93
C ARG B 283 -13.58 31.23 7.74
N PRO B 284 -13.51 30.28 8.68
CA PRO B 284 -12.34 30.10 9.52
C PRO B 284 -11.00 30.29 8.81
N ASN B 285 -10.06 30.89 9.53
CA ASN B 285 -8.71 31.10 9.02
C ASN B 285 -7.89 30.01 9.69
N TYR B 286 -8.60 28.95 10.11
CA TYR B 286 -7.99 27.79 10.76
C TYR B 286 -8.73 26.53 10.29
N ASP B 287 -8.01 25.42 10.22
CA ASP B 287 -8.60 24.17 9.77
C ASP B 287 -9.71 23.64 10.70
N THR B 288 -10.91 23.56 10.14
CA THR B 288 -12.07 23.07 10.85
C THR B 288 -12.75 22.01 10.01
N PHE B 289 -13.37 21.05 10.70
CA PHE B 289 -14.07 19.94 10.05
C PHE B 289 -14.24 20.17 8.56
N ALA B 290 -15.38 20.73 8.17
CA ALA B 290 -15.63 21.01 6.78
C ALA B 290 -15.32 22.49 6.64
N PHE B 291 -16.21 23.29 7.20
CA PHE B 291 -16.11 24.72 7.22
C PHE B 291 -16.99 25.06 8.40
N VAL B 292 -17.08 24.10 9.30
CA VAL B 292 -17.89 24.22 10.50
C VAL B 292 -17.10 24.85 11.67
N PRO B 293 -17.13 26.17 11.76
CA PRO B 293 -16.45 26.99 12.78
C PRO B 293 -16.26 26.35 14.16
N HIS B 294 -17.36 25.95 14.79
CA HIS B 294 -17.29 25.36 16.12
C HIS B 294 -16.70 23.97 16.17
N MET B 295 -16.03 23.56 15.09
CA MET B 295 -15.41 22.24 15.01
C MET B 295 -14.00 22.33 14.43
N PRO B 296 -13.05 22.84 15.22
CA PRO B 296 -11.66 22.96 14.74
C PRO B 296 -10.96 21.60 14.66
N LYS B 297 -10.04 21.46 13.71
CA LYS B 297 -9.33 20.20 13.55
C LYS B 297 -8.20 20.11 14.56
N LEU B 298 -7.86 18.88 14.95
CA LEU B 298 -6.77 18.66 15.89
C LEU B 298 -5.46 18.35 15.18
N ASN B 299 -4.37 18.40 15.94
CA ASN B 299 -3.04 18.14 15.41
C ASN B 299 -2.54 16.78 15.87
N THR B 300 -3.03 15.72 15.24
CA THR B 300 -2.64 14.37 15.60
C THR B 300 -1.16 14.14 15.38
N ALA B 301 -0.48 15.18 14.90
CA ALA B 301 0.95 15.10 14.66
C ALA B 301 1.68 15.58 15.91
N HIS B 302 1.09 16.59 16.57
CA HIS B 302 1.65 17.19 17.80
C HIS B 302 1.75 16.12 18.89
N PRO B 303 2.88 16.12 19.63
CA PRO B 303 3.15 15.16 20.71
C PRO B 303 2.15 15.09 21.86
N GLU B 304 1.61 16.23 22.29
CA GLU B 304 0.64 16.25 23.40
C GLU B 304 -0.70 15.67 22.97
N VAL B 305 -1.33 16.31 21.99
CA VAL B 305 -2.60 15.83 21.47
C VAL B 305 -2.55 14.29 21.44
N LYS B 306 -1.60 13.80 20.67
CA LYS B 306 -1.37 12.38 20.47
C LYS B 306 -1.43 11.61 21.79
N ARG B 307 -0.84 12.17 22.83
CA ARG B 307 -0.84 11.52 24.13
C ARG B 307 -2.20 11.68 24.79
N TYR B 308 -2.86 12.81 24.50
CA TYR B 308 -4.18 13.10 25.04
C TYR B 308 -5.15 12.06 24.52
N LEU B 309 -5.40 12.18 23.21
CA LEU B 309 -6.32 11.29 22.52
C LEU B 309 -6.03 9.82 22.75
N LEU B 310 -4.75 9.43 22.74
CA LEU B 310 -4.41 8.04 22.94
C LEU B 310 -4.90 7.55 24.31
N ASP B 311 -4.90 8.46 25.28
CA ASP B 311 -5.37 8.10 26.62
C ASP B 311 -6.89 7.98 26.61
N VAL B 312 -7.57 8.94 25.99
CA VAL B 312 -9.00 8.85 25.90
C VAL B 312 -9.34 7.46 25.38
N ALA B 313 -8.76 7.12 24.23
CA ALA B 313 -8.97 5.82 23.60
C ALA B 313 -8.81 4.66 24.56
N THR B 314 -7.79 4.75 25.40
CA THR B 314 -7.52 3.69 26.37
C THR B 314 -8.40 3.73 27.59
N TYR B 315 -8.72 4.95 28.04
CA TYR B 315 -9.55 5.14 29.22
C TYR B 315 -10.81 4.28 29.21
N TRP B 316 -11.75 4.61 28.32
CA TRP B 316 -13.01 3.87 28.22
C TRP B 316 -12.87 2.36 27.90
N ILE B 317 -11.64 1.86 27.82
CA ILE B 317 -11.42 0.45 27.54
C ILE B 317 -11.03 -0.24 28.85
N ARG B 318 -10.52 0.55 29.78
CA ARG B 318 -10.13 0.01 31.07
C ARG B 318 -11.28 0.18 32.05
N GLU B 319 -11.76 1.41 32.18
CA GLU B 319 -12.85 1.71 33.11
C GLU B 319 -14.24 1.20 32.77
N PHE B 320 -14.50 0.93 31.49
CA PHE B 320 -15.81 0.43 31.11
C PHE B 320 -15.79 -0.85 30.31
N ASP B 321 -14.60 -1.26 29.88
CA ASP B 321 -14.45 -2.50 29.14
C ASP B 321 -15.27 -2.56 27.85
N ILE B 322 -15.30 -1.47 27.10
CA ILE B 322 -16.08 -1.46 25.87
C ILE B 322 -15.43 -2.38 24.86
N ASP B 323 -16.16 -2.73 23.81
CA ASP B 323 -15.64 -3.65 22.81
C ASP B 323 -15.29 -3.10 21.45
N GLY B 324 -15.37 -1.79 21.28
CA GLY B 324 -15.02 -1.29 19.98
C GLY B 324 -15.16 0.20 19.79
N TRP B 325 -14.21 0.77 19.08
CA TRP B 325 -14.22 2.19 18.78
C TRP B 325 -14.66 2.41 17.34
N ARG B 326 -15.51 3.40 17.15
CA ARG B 326 -15.99 3.81 15.84
C ARG B 326 -15.25 5.12 15.59
N LEU B 327 -14.26 5.09 14.71
CA LEU B 327 -13.44 6.28 14.41
C LEU B 327 -14.04 7.15 13.31
N ASP B 328 -14.59 8.27 13.74
CA ASP B 328 -15.26 9.21 12.87
C ASP B 328 -14.31 10.09 12.06
N VAL B 329 -14.59 10.22 10.77
CA VAL B 329 -13.78 11.02 9.84
C VAL B 329 -12.32 10.57 9.87
N ALA B 330 -12.14 9.30 10.19
CA ALA B 330 -10.81 8.69 10.31
C ALA B 330 -9.87 8.97 9.16
N ASN B 331 -10.40 8.99 7.94
CA ASN B 331 -9.59 9.23 6.75
C ASN B 331 -8.88 10.57 6.75
N GLU B 332 -9.28 11.49 7.63
CA GLU B 332 -8.63 12.79 7.67
C GLU B 332 -7.48 12.91 8.66
N ILE B 333 -7.11 11.79 9.29
CA ILE B 333 -5.99 11.77 10.24
C ILE B 333 -4.78 11.07 9.62
N ASP B 334 -3.59 11.41 10.10
CA ASP B 334 -2.37 10.79 9.58
C ASP B 334 -2.19 9.35 10.03
N HIS B 335 -1.98 8.46 9.08
CA HIS B 335 -1.81 7.05 9.39
C HIS B 335 -0.91 6.76 10.60
N GLN B 336 0.15 7.55 10.80
CA GLN B 336 1.01 7.25 11.93
C GLN B 336 0.20 7.18 13.21
N PHE B 337 -0.63 8.19 13.42
CA PHE B 337 -1.47 8.20 14.60
C PHE B 337 -2.33 6.92 14.73
N TRP B 338 -2.88 6.48 13.61
CA TRP B 338 -3.72 5.28 13.61
C TRP B 338 -2.90 4.05 13.90
N ARG B 339 -1.60 4.12 13.67
CA ARG B 339 -0.73 2.99 13.96
C ARG B 339 -0.47 2.93 15.47
N GLU B 340 -0.11 4.07 16.05
CA GLU B 340 0.13 4.13 17.49
C GLU B 340 -1.19 3.79 18.18
N PHE B 341 -2.27 4.34 17.64
CA PHE B 341 -3.61 4.11 18.17
C PHE B 341 -3.91 2.62 18.26
N ARG B 342 -3.70 1.91 17.16
CA ARG B 342 -3.97 0.48 17.11
C ARG B 342 -3.18 -0.28 18.14
N GLN B 343 -1.94 0.13 18.34
CA GLN B 343 -1.09 -0.54 19.30
C GLN B 343 -1.60 -0.34 20.73
N ALA B 344 -1.79 0.92 21.13
CA ALA B 344 -2.27 1.22 22.46
C ALA B 344 -3.50 0.37 22.77
N VAL B 345 -4.49 0.50 21.90
CA VAL B 345 -5.74 -0.22 22.07
C VAL B 345 -5.57 -1.74 22.07
N LYS B 346 -5.19 -2.31 20.93
CA LYS B 346 -5.01 -3.76 20.79
C LYS B 346 -4.13 -4.36 21.89
N ALA B 347 -3.18 -3.58 22.38
CA ALA B 347 -2.30 -4.04 23.42
C ALA B 347 -3.08 -4.24 24.73
N LEU B 348 -4.03 -3.36 24.98
CA LEU B 348 -4.85 -3.44 26.19
C LEU B 348 -5.96 -4.49 26.09
N LYS B 349 -6.63 -4.53 24.94
CA LYS B 349 -7.73 -5.46 24.73
C LYS B 349 -7.76 -5.86 23.25
N PRO B 350 -7.16 -7.00 22.92
CA PRO B 350 -7.12 -7.47 21.53
C PRO B 350 -8.45 -7.46 20.79
N ASP B 351 -9.51 -7.95 21.42
CA ASP B 351 -10.78 -8.00 20.75
C ASP B 351 -11.34 -6.65 20.40
N VAL B 352 -10.67 -5.58 20.76
CA VAL B 352 -11.24 -4.29 20.42
C VAL B 352 -11.39 -4.11 18.94
N TYR B 353 -12.61 -3.87 18.55
CA TYR B 353 -12.94 -3.64 17.17
C TYR B 353 -12.54 -2.19 16.93
N ILE B 354 -11.71 -1.97 15.93
CA ILE B 354 -11.28 -0.62 15.59
C ILE B 354 -11.90 -0.36 14.23
N LEU B 355 -13.14 0.16 14.20
CA LEU B 355 -13.82 0.45 12.95
C LEU B 355 -13.71 1.91 12.55
N GLY B 356 -13.16 2.16 11.37
CA GLY B 356 -13.02 3.52 10.91
C GLY B 356 -14.16 3.96 10.00
N LEU B 357 -14.40 5.27 9.96
CA LEU B 357 -15.45 5.84 9.13
C LEU B 357 -14.82 6.49 7.92
N ILE B 358 -14.69 5.72 6.85
CA ILE B 358 -14.12 6.22 5.61
C ILE B 358 -15.12 5.92 4.51
N TRP B 359 -15.52 6.95 3.77
CA TRP B 359 -16.49 6.73 2.70
C TRP B 359 -15.87 6.02 1.50
N HIS B 360 -14.98 6.72 0.81
CA HIS B 360 -14.29 6.19 -0.35
C HIS B 360 -13.50 4.92 -0.10
N ASP B 361 -12.64 4.64 -1.07
CA ASP B 361 -11.76 3.49 -1.09
C ASP B 361 -10.88 3.50 0.15
N ALA B 362 -11.04 2.52 1.02
CA ALA B 362 -10.27 2.49 2.26
C ALA B 362 -9.05 1.58 2.33
N MET B 363 -8.47 1.24 1.19
CA MET B 363 -7.30 0.37 1.16
C MET B 363 -6.16 0.80 2.07
N PRO B 364 -5.64 2.01 1.87
CA PRO B 364 -4.53 2.52 2.67
C PRO B 364 -4.62 2.25 4.15
N TRP B 365 -5.82 2.05 4.67
CA TRP B 365 -5.98 1.83 6.08
C TRP B 365 -6.21 0.37 6.44
N LEU B 366 -6.45 -0.44 5.42
CA LEU B 366 -6.71 -1.86 5.62
C LEU B 366 -5.51 -2.73 5.32
N ARG B 367 -4.32 -2.26 5.67
CA ARG B 367 -3.10 -3.04 5.43
C ARG B 367 -2.80 -3.89 6.68
N GLY B 368 -3.56 -3.66 7.75
CA GLY B 368 -3.37 -4.43 8.96
C GLY B 368 -2.60 -3.74 10.07
N ASP B 369 -2.12 -2.55 9.78
CA ASP B 369 -1.36 -1.79 10.76
C ASP B 369 -2.20 -0.63 11.29
N GLN B 370 -3.48 -0.57 10.88
CA GLN B 370 -4.33 0.52 11.31
C GLN B 370 -5.76 0.15 11.68
N PHE B 371 -6.71 0.24 10.76
CA PHE B 371 -8.09 -0.11 11.08
C PHE B 371 -8.41 -1.57 10.85
N ASP B 372 -9.38 -2.09 11.60
CA ASP B 372 -9.79 -3.48 11.45
C ASP B 372 -10.78 -3.60 10.30
N ALA B 373 -11.44 -2.49 9.98
CA ALA B 373 -12.42 -2.44 8.89
C ALA B 373 -12.99 -1.03 8.70
N VAL B 374 -13.93 -0.88 7.78
CA VAL B 374 -14.56 0.41 7.50
C VAL B 374 -16.04 0.27 7.10
N MET B 375 -16.81 1.34 7.28
CA MET B 375 -18.23 1.37 6.94
C MET B 375 -18.36 1.01 5.47
N ASN B 376 -19.00 -0.10 5.16
CA ASN B 376 -19.12 -0.53 3.77
C ASN B 376 -20.08 0.36 2.97
N TYR B 377 -19.81 1.66 2.95
CA TYR B 377 -20.67 2.58 2.21
C TYR B 377 -20.79 2.31 0.71
N PRO B 378 -19.80 1.64 0.09
CA PRO B 378 -19.97 1.39 -1.34
C PRO B 378 -21.06 0.36 -1.62
N LEU B 379 -21.13 -0.66 -0.76
CA LEU B 379 -22.13 -1.69 -0.91
C LEU B 379 -23.50 -1.14 -0.53
N ALA B 380 -23.54 -0.17 0.37
CA ALA B 380 -24.81 0.42 0.77
C ALA B 380 -25.36 1.21 -0.41
N ASP B 381 -24.46 1.86 -1.14
CA ASP B 381 -24.85 2.66 -2.30
C ASP B 381 -25.53 1.75 -3.32
N ALA B 382 -24.90 0.60 -3.58
CA ALA B 382 -25.41 -0.38 -4.55
C ALA B 382 -26.79 -0.91 -4.16
N ALA B 383 -26.88 -1.47 -2.97
CA ALA B 383 -28.13 -2.00 -2.48
C ALA B 383 -29.24 -0.99 -2.75
N LEU B 384 -29.16 0.18 -2.16
CA LEU B 384 -30.17 1.21 -2.36
C LEU B 384 -30.44 1.46 -3.83
N ARG B 385 -29.37 1.63 -4.59
CA ARG B 385 -29.49 1.84 -6.01
C ARG B 385 -30.43 0.79 -6.60
N PHE B 386 -30.11 -0.49 -6.34
CA PHE B 386 -30.86 -1.64 -6.86
C PHE B 386 -32.27 -1.96 -6.37
N PHE B 387 -32.45 -1.99 -5.06
CA PHE B 387 -33.75 -2.32 -4.46
C PHE B 387 -34.71 -1.15 -4.28
N ALA B 388 -34.25 -0.07 -3.64
CA ALA B 388 -35.11 1.09 -3.41
C ALA B 388 -35.35 1.96 -4.64
N LYS B 389 -34.31 2.66 -5.10
CA LYS B 389 -34.46 3.52 -6.25
C LYS B 389 -34.73 2.71 -7.53
N GLU B 390 -34.25 1.47 -7.55
CA GLU B 390 -34.46 0.62 -8.72
C GLU B 390 -33.87 1.15 -10.01
N ASP B 391 -32.65 1.67 -9.95
CA ASP B 391 -31.97 2.17 -11.14
C ASP B 391 -31.35 0.94 -11.80
N MET B 392 -30.09 0.69 -11.48
CA MET B 392 -29.35 -0.43 -12.03
C MET B 392 -30.07 -1.78 -12.05
N SER B 393 -29.66 -2.59 -13.02
CA SER B 393 -30.22 -3.93 -13.20
C SER B 393 -29.56 -4.90 -12.26
N ALA B 394 -30.04 -6.14 -12.29
CA ALA B 394 -29.50 -7.19 -11.44
C ALA B 394 -28.05 -7.47 -11.81
N SER B 395 -27.70 -7.13 -13.03
CA SER B 395 -26.34 -7.34 -13.47
C SER B 395 -25.47 -6.22 -12.92
N GLU B 396 -25.79 -4.98 -13.26
CA GLU B 396 -25.03 -3.84 -12.77
C GLU B 396 -24.80 -3.97 -11.28
N PHE B 397 -25.80 -4.50 -10.57
CA PHE B 397 -25.70 -4.69 -9.12
C PHE B 397 -24.66 -5.76 -8.85
N ALA B 398 -24.89 -6.94 -9.41
CA ALA B 398 -23.99 -8.06 -9.24
C ALA B 398 -22.56 -7.66 -9.58
N ASP B 399 -22.39 -6.67 -10.46
CA ASP B 399 -21.04 -6.26 -10.81
C ASP B 399 -20.43 -5.37 -9.73
N ARG B 400 -21.03 -4.20 -9.51
CA ARG B 400 -20.50 -3.30 -8.50
C ARG B 400 -20.14 -4.15 -7.29
N LEU B 401 -21.02 -5.08 -6.94
CA LEU B 401 -20.78 -5.95 -5.80
C LEU B 401 -19.49 -6.74 -5.94
N MET B 402 -19.27 -7.35 -7.09
CA MET B 402 -18.04 -8.13 -7.34
C MET B 402 -16.80 -7.24 -7.35
N HIS B 403 -16.98 -5.98 -7.77
CA HIS B 403 -15.89 -5.00 -7.85
C HIS B 403 -15.38 -4.54 -6.48
N VAL B 404 -16.29 -4.05 -5.65
CA VAL B 404 -15.89 -3.61 -4.33
C VAL B 404 -15.29 -4.81 -3.60
N LEU B 405 -15.93 -5.96 -3.73
CA LEU B 405 -15.43 -7.15 -3.08
C LEU B 405 -14.00 -7.53 -3.48
N HIS B 406 -13.73 -7.58 -4.78
CA HIS B 406 -12.40 -7.94 -5.26
C HIS B 406 -11.33 -6.89 -5.03
N SER B 407 -11.70 -5.72 -4.53
CA SER B 407 -10.75 -4.63 -4.33
C SER B 407 -10.07 -4.65 -2.97
N TYR B 408 -10.37 -5.65 -2.17
CA TYR B 408 -9.77 -5.81 -0.84
C TYR B 408 -9.42 -7.28 -0.69
N PRO B 409 -8.61 -7.60 0.32
CA PRO B 409 -8.25 -9.00 0.53
C PRO B 409 -9.40 -9.67 1.27
N LYS B 410 -9.69 -10.91 0.90
CA LYS B 410 -10.79 -11.67 1.49
C LYS B 410 -11.08 -11.39 2.97
N GLN B 411 -10.15 -11.74 3.86
CA GLN B 411 -10.36 -11.53 5.29
C GLN B 411 -10.68 -10.09 5.68
N VAL B 412 -10.64 -9.18 4.71
CA VAL B 412 -10.95 -7.78 5.01
C VAL B 412 -12.43 -7.56 4.87
N ASN B 413 -13.04 -8.27 3.93
CA ASN B 413 -14.47 -8.14 3.72
C ASN B 413 -15.19 -8.84 4.87
N GLU B 414 -14.70 -10.00 5.24
CA GLU B 414 -15.31 -10.76 6.32
C GLU B 414 -15.62 -9.89 7.53
N ALA B 415 -14.79 -8.89 7.81
CA ALA B 415 -15.03 -8.05 8.97
C ALA B 415 -15.60 -6.69 8.65
N ALA B 416 -15.92 -6.45 7.38
CA ALA B 416 -16.49 -5.18 6.96
C ALA B 416 -17.79 -4.87 7.72
N PHE B 417 -18.02 -3.59 7.99
CA PHE B 417 -19.21 -3.14 8.71
C PHE B 417 -20.31 -2.76 7.72
N ASN B 418 -21.23 -3.70 7.46
CA ASN B 418 -22.32 -3.50 6.51
C ASN B 418 -23.52 -2.77 7.09
N LEU B 419 -23.62 -1.49 6.78
CA LEU B 419 -24.73 -0.67 7.25
C LEU B 419 -25.54 -0.34 6.02
N LEU B 420 -26.76 0.13 6.21
CA LEU B 420 -27.59 0.52 5.07
C LEU B 420 -28.05 1.93 5.35
N GLY B 421 -27.95 2.32 6.63
CA GLY B 421 -28.34 3.64 7.00
C GLY B 421 -27.67 4.12 8.27
N SER B 422 -27.81 5.40 8.53
CA SER B 422 -27.23 6.02 9.71
C SER B 422 -28.12 7.20 10.07
N HIS B 423 -27.57 8.08 10.89
CA HIS B 423 -28.27 9.27 11.33
C HIS B 423 -27.97 10.38 10.34
N ASP B 424 -27.26 10.04 9.26
CA ASP B 424 -26.92 11.01 8.21
C ASP B 424 -27.72 10.73 6.96
N THR B 425 -28.11 9.47 6.79
CA THR B 425 -28.87 9.06 5.62
C THR B 425 -30.37 8.85 5.84
N PRO B 426 -31.19 9.24 4.83
CA PRO B 426 -32.65 9.10 4.88
C PRO B 426 -33.09 7.67 5.16
N ARG B 427 -34.17 7.52 5.93
CA ARG B 427 -34.69 6.21 6.29
C ARG B 427 -35.12 5.38 5.09
N LEU B 428 -34.68 4.12 5.09
CA LEU B 428 -35.00 3.18 4.03
C LEU B 428 -36.45 3.34 3.59
N LEU B 429 -37.36 3.15 4.55
CA LEU B 429 -38.78 3.22 4.27
C LEU B 429 -39.16 4.39 3.39
N THR B 430 -38.62 5.58 3.67
CA THR B 430 -38.96 6.71 2.85
C THR B 430 -38.21 6.59 1.53
N VAL B 431 -36.98 6.09 1.59
CA VAL B 431 -36.20 5.92 0.37
C VAL B 431 -36.84 4.84 -0.49
N CYS B 432 -37.74 4.07 0.10
CA CYS B 432 -38.43 3.04 -0.65
C CYS B 432 -39.82 3.56 -1.05
N GLY B 433 -40.05 4.84 -0.79
CA GLY B 433 -41.32 5.45 -1.12
C GLY B 433 -42.43 4.88 -0.27
N GLY B 434 -42.08 4.31 0.87
CA GLY B 434 -43.08 3.74 1.75
C GLY B 434 -43.55 2.36 1.34
N ASP B 435 -42.74 1.67 0.54
CA ASP B 435 -43.09 0.33 0.10
C ASP B 435 -42.37 -0.72 0.95
N VAL B 436 -42.92 -1.00 2.11
CA VAL B 436 -42.35 -1.96 3.06
C VAL B 436 -41.78 -3.20 2.40
N ARG B 437 -42.29 -3.53 1.23
CA ARG B 437 -41.82 -4.70 0.51
C ARG B 437 -40.34 -4.59 0.15
N LYS B 438 -39.97 -3.49 -0.49
CA LYS B 438 -38.59 -3.28 -0.87
C LYS B 438 -37.72 -3.41 0.37
N VAL B 439 -38.11 -2.68 1.42
CA VAL B 439 -37.40 -2.70 2.68
C VAL B 439 -37.00 -4.10 3.10
N LYS B 440 -37.99 -4.99 3.25
CA LYS B 440 -37.68 -6.34 3.65
C LYS B 440 -36.67 -6.96 2.70
N LEU B 441 -36.73 -6.59 1.43
CA LEU B 441 -35.77 -7.15 0.49
C LEU B 441 -34.38 -6.68 0.89
N LEU B 442 -34.25 -5.41 1.26
CA LEU B 442 -32.96 -4.88 1.67
C LEU B 442 -32.43 -5.67 2.87
N PHE B 443 -33.26 -5.80 3.89
CA PHE B 443 -32.87 -6.55 5.06
C PHE B 443 -32.47 -7.94 4.62
N LEU B 444 -33.26 -8.54 3.74
CA LEU B 444 -32.95 -9.88 3.26
C LEU B 444 -31.54 -9.91 2.74
N PHE B 445 -31.25 -9.02 1.79
CA PHE B 445 -29.92 -8.95 1.19
C PHE B 445 -28.86 -8.74 2.26
N GLN B 446 -28.98 -7.63 2.98
CA GLN B 446 -28.04 -7.27 4.04
C GLN B 446 -27.74 -8.36 5.06
N LEU B 447 -28.76 -9.10 5.48
CA LEU B 447 -28.54 -10.13 6.46
C LEU B 447 -28.14 -11.46 5.85
N THR B 448 -27.96 -11.46 4.53
CA THR B 448 -27.56 -12.67 3.79
C THR B 448 -26.12 -12.55 3.28
N PHE B 449 -25.60 -11.33 3.27
CA PHE B 449 -24.25 -11.01 2.78
C PHE B 449 -23.20 -11.14 3.87
N THR B 450 -22.01 -11.61 3.50
CA THR B 450 -20.98 -11.75 4.51
C THR B 450 -20.49 -10.39 4.95
N GLY B 451 -20.28 -10.26 6.26
CA GLY B 451 -19.82 -9.01 6.84
C GLY B 451 -20.35 -8.89 8.27
N SER B 452 -20.42 -7.68 8.77
CA SER B 452 -20.92 -7.45 10.11
C SER B 452 -21.97 -6.36 9.96
N PRO B 453 -23.20 -6.75 9.65
CA PRO B 453 -24.35 -5.87 9.44
C PRO B 453 -24.70 -4.98 10.64
N CYS B 454 -25.40 -3.88 10.36
CA CYS B 454 -25.82 -2.95 11.40
C CYS B 454 -27.19 -2.33 11.08
N ILE B 455 -28.17 -2.57 11.94
CA ILE B 455 -29.50 -2.02 11.74
C ILE B 455 -29.60 -0.70 12.47
N TYR B 456 -30.23 0.28 11.84
CA TYR B 456 -30.40 1.60 12.43
C TYR B 456 -31.69 1.70 13.23
N TYR B 457 -31.56 2.00 14.51
CA TYR B 457 -32.69 2.10 15.41
C TYR B 457 -33.91 2.67 14.69
N GLY B 458 -35.01 1.95 14.76
CA GLY B 458 -36.23 2.39 14.11
C GLY B 458 -36.53 1.64 12.82
N ASP B 459 -35.52 1.41 12.01
CA ASP B 459 -35.73 0.71 10.74
C ASP B 459 -36.44 -0.65 10.86
N GLU B 460 -36.32 -1.31 12.02
CA GLU B 460 -36.96 -2.62 12.20
C GLU B 460 -38.47 -2.51 12.35
N ILE B 461 -38.94 -1.43 12.98
CA ILE B 461 -40.38 -1.21 13.15
C ILE B 461 -40.87 -0.21 12.11
N GLY B 462 -40.06 -0.03 11.07
CA GLY B 462 -40.40 0.84 9.97
C GLY B 462 -40.70 2.31 10.22
N MET B 463 -39.77 3.02 10.85
CA MET B 463 -39.95 4.45 11.08
C MET B 463 -39.80 5.14 9.73
N THR B 464 -39.94 6.47 9.70
CA THR B 464 -39.83 7.20 8.44
C THR B 464 -39.02 8.49 8.60
N GLY B 465 -38.78 9.17 7.48
CA GLY B 465 -38.02 10.42 7.52
C GLY B 465 -36.84 10.51 6.58
N GLY B 466 -36.69 11.68 5.94
CA GLY B 466 -35.60 11.90 5.00
C GLY B 466 -34.26 12.29 5.61
N ASN B 467 -33.57 13.22 4.97
CA ASN B 467 -32.26 13.68 5.42
C ASN B 467 -32.22 14.33 6.79
N ASP B 468 -31.01 14.54 7.30
CA ASP B 468 -30.80 15.16 8.60
C ASP B 468 -31.72 16.37 8.74
N PRO B 469 -32.47 16.46 9.85
CA PRO B 469 -32.53 15.54 10.99
C PRO B 469 -33.77 14.63 11.01
N GLU B 470 -34.31 14.33 9.83
CA GLU B 470 -35.50 13.48 9.72
C GLU B 470 -35.24 12.08 10.27
N CYS B 471 -34.10 11.51 9.89
CA CYS B 471 -33.73 10.16 10.32
C CYS B 471 -33.42 10.09 11.82
N ARG B 472 -33.74 11.17 12.54
CA ARG B 472 -33.48 11.20 13.97
C ARG B 472 -34.75 11.41 14.79
N LYS B 473 -35.86 10.86 14.32
CA LYS B 473 -37.12 11.00 15.03
C LYS B 473 -37.06 10.13 16.27
N CYS B 474 -37.71 10.56 17.35
CA CYS B 474 -37.71 9.79 18.59
C CYS B 474 -38.15 8.35 18.26
N MET B 475 -37.65 7.36 19.00
CA MET B 475 -38.03 5.96 18.75
C MET B 475 -39.49 5.68 19.09
N VAL B 476 -40.16 4.98 18.20
CA VAL B 476 -41.56 4.65 18.40
C VAL B 476 -41.70 3.41 19.27
N TRP B 477 -42.19 3.56 20.49
CA TRP B 477 -42.35 2.39 21.35
C TRP B 477 -43.81 1.92 21.44
N ASP B 478 -44.69 2.61 20.72
CA ASP B 478 -46.11 2.27 20.72
C ASP B 478 -46.36 1.12 19.75
N PRO B 479 -46.62 -0.07 20.31
CA PRO B 479 -46.87 -1.31 19.57
C PRO B 479 -47.79 -1.06 18.40
N GLU B 480 -48.67 -0.09 18.59
CA GLU B 480 -49.67 0.31 17.63
C GLU B 480 -49.14 1.00 16.37
N LYS B 481 -48.16 1.87 16.55
CA LYS B 481 -47.60 2.59 15.41
C LYS B 481 -46.27 2.01 14.90
N GLN B 482 -46.02 0.74 15.20
CA GLN B 482 -44.79 0.11 14.73
C GLN B 482 -45.00 -1.22 14.02
N ASN B 483 -44.65 -1.25 12.73
CA ASN B 483 -44.82 -2.44 11.88
C ASN B 483 -44.26 -3.71 12.49
N LYS B 484 -45.15 -4.47 13.11
CA LYS B 484 -44.79 -5.73 13.76
C LYS B 484 -44.34 -6.75 12.73
N GLU B 485 -44.81 -6.60 11.50
CA GLU B 485 -44.48 -7.51 10.41
C GLU B 485 -43.03 -7.39 10.01
N LEU B 486 -42.54 -6.16 9.90
CA LEU B 486 -41.16 -5.93 9.52
C LEU B 486 -40.29 -6.44 10.64
N TYR B 487 -40.63 -6.06 11.87
CA TYR B 487 -39.86 -6.49 13.02
C TYR B 487 -39.77 -8.00 13.05
N GLU B 488 -40.91 -8.65 13.02
CA GLU B 488 -40.94 -10.09 13.05
C GLU B 488 -40.16 -10.69 11.87
N HIS B 489 -40.07 -9.92 10.78
CA HIS B 489 -39.35 -10.31 9.57
C HIS B 489 -37.84 -10.27 9.81
N VAL B 490 -37.35 -9.08 10.15
CA VAL B 490 -35.93 -8.88 10.44
C VAL B 490 -35.50 -9.88 11.49
N LYS B 491 -36.38 -10.13 12.46
CA LYS B 491 -36.07 -11.04 13.54
C LYS B 491 -35.77 -12.46 13.13
N GLN B 492 -36.57 -13.03 12.22
CA GLN B 492 -36.31 -14.42 11.80
C GLN B 492 -35.19 -14.51 10.79
N LEU B 493 -34.85 -13.37 10.21
CA LEU B 493 -33.79 -13.32 9.23
C LEU B 493 -32.48 -13.26 10.02
N ILE B 494 -32.52 -12.59 11.17
CA ILE B 494 -31.35 -12.50 12.02
C ILE B 494 -31.08 -13.87 12.62
N ALA B 495 -32.15 -14.50 13.10
CA ALA B 495 -32.04 -15.81 13.72
C ALA B 495 -31.61 -16.82 12.68
N LEU B 496 -31.81 -16.48 11.42
CA LEU B 496 -31.44 -17.35 10.31
C LEU B 496 -29.94 -17.22 10.08
N ARG B 497 -29.46 -15.98 10.02
CA ARG B 497 -28.04 -15.73 9.83
C ARG B 497 -27.27 -16.35 10.98
N LYS B 498 -27.85 -16.29 12.17
CA LYS B 498 -27.18 -16.83 13.33
C LYS B 498 -27.01 -18.36 13.28
N GLN B 499 -27.86 -19.05 12.51
CA GLN B 499 -27.75 -20.51 12.45
C GLN B 499 -27.25 -21.09 11.13
N TYR B 500 -26.98 -20.23 10.16
CA TYR B 500 -26.47 -20.71 8.89
C TYR B 500 -25.16 -20.02 8.58
N ARG B 501 -24.08 -20.66 9.03
CA ARG B 501 -22.74 -20.16 8.87
C ARG B 501 -22.43 -19.51 7.53
N ALA B 502 -22.90 -20.11 6.44
CA ALA B 502 -22.63 -19.58 5.11
C ALA B 502 -23.15 -18.17 4.98
N LEU B 503 -24.35 -17.95 5.51
CA LEU B 503 -24.98 -16.64 5.46
C LEU B 503 -24.15 -15.53 6.11
N ARG B 504 -23.32 -15.87 7.10
CA ARG B 504 -22.54 -14.83 7.75
C ARG B 504 -21.05 -14.72 7.39
N ARG B 505 -20.39 -15.85 7.14
CA ARG B 505 -18.98 -15.77 6.77
C ARG B 505 -18.59 -16.58 5.51
N GLY B 506 -19.57 -16.87 4.66
CA GLY B 506 -19.29 -17.62 3.44
C GLY B 506 -19.01 -16.78 2.21
N ASP B 507 -19.04 -17.38 1.03
CA ASP B 507 -18.78 -16.67 -0.22
C ASP B 507 -20.06 -16.46 -1.01
N VAL B 508 -20.12 -15.35 -1.75
CA VAL B 508 -21.29 -15.04 -2.57
C VAL B 508 -20.99 -15.50 -3.99
N ALA B 509 -22.02 -15.71 -4.79
CA ALA B 509 -21.85 -16.16 -6.16
C ALA B 509 -23.13 -15.86 -6.91
N PHE B 510 -23.10 -14.87 -7.80
CA PHE B 510 -24.30 -14.50 -8.54
C PHE B 510 -24.47 -15.26 -9.85
N LEU B 511 -25.64 -15.88 -10.00
CA LEU B 511 -25.97 -16.68 -11.17
C LEU B 511 -26.88 -15.90 -12.11
N THR B 512 -26.94 -14.59 -11.89
CA THR B 512 -27.77 -13.71 -12.71
C THR B 512 -27.42 -13.76 -14.21
N ALA B 513 -28.42 -13.50 -15.06
CA ALA B 513 -28.25 -13.50 -16.51
C ALA B 513 -28.11 -12.05 -17.03
N ASP B 514 -27.30 -11.86 -18.06
CA ASP B 514 -27.08 -10.51 -18.63
C ASP B 514 -28.35 -9.83 -19.15
N ASP B 515 -29.27 -10.63 -19.68
CA ASP B 515 -30.53 -10.09 -20.20
C ASP B 515 -31.50 -9.82 -19.05
N GLU B 516 -31.10 -10.23 -17.85
CA GLU B 516 -31.93 -10.04 -16.67
C GLU B 516 -31.75 -8.72 -15.96
N VAL B 517 -32.89 -8.08 -15.72
CA VAL B 517 -32.92 -6.79 -15.09
C VAL B 517 -33.65 -6.84 -13.75
N ASN B 518 -34.44 -7.89 -13.50
CA ASN B 518 -35.19 -7.96 -12.24
C ASN B 518 -35.06 -9.23 -11.41
N HIS B 519 -34.35 -10.23 -11.90
CA HIS B 519 -34.21 -11.46 -11.13
C HIS B 519 -32.82 -11.62 -10.57
N LEU B 520 -32.73 -11.54 -9.26
CA LEU B 520 -31.47 -11.67 -8.57
C LEU B 520 -31.40 -13.05 -7.95
N VAL B 521 -30.45 -13.86 -8.39
CA VAL B 521 -30.33 -15.18 -7.82
C VAL B 521 -28.89 -15.38 -7.42
N TYR B 522 -28.67 -15.72 -6.15
CA TYR B 522 -27.32 -15.94 -5.68
C TYR B 522 -27.21 -16.99 -4.60
N ALA B 523 -26.00 -17.53 -4.45
CA ALA B 523 -25.72 -18.59 -3.49
C ALA B 523 -24.61 -18.26 -2.52
N LYS B 524 -24.82 -18.60 -1.25
CA LYS B 524 -23.84 -18.38 -0.20
C LYS B 524 -23.32 -19.75 0.11
N THR B 525 -22.01 -19.93 0.01
CA THR B 525 -21.37 -21.21 0.28
C THR B 525 -20.24 -21.19 1.31
N ASP B 526 -20.12 -22.28 2.05
CA ASP B 526 -19.11 -22.42 3.06
C ASP B 526 -19.03 -23.89 3.43
N GLY B 527 -18.12 -24.61 2.78
CA GLY B 527 -17.98 -26.04 3.03
C GLY B 527 -19.08 -26.79 2.32
N ASN B 528 -19.89 -27.54 3.06
CA ASN B 528 -20.96 -28.26 2.42
C ASN B 528 -22.28 -27.54 2.58
N GLU B 529 -22.26 -26.47 3.37
CA GLU B 529 -23.43 -25.65 3.62
C GLU B 529 -23.56 -24.70 2.43
N THR B 530 -24.73 -24.69 1.81
CA THR B 530 -24.99 -23.83 0.65
C THR B 530 -26.36 -23.22 0.79
N VAL B 531 -26.46 -21.90 0.71
CA VAL B 531 -27.76 -21.26 0.81
C VAL B 531 -28.00 -20.49 -0.47
N MET B 532 -29.17 -20.71 -1.04
CA MET B 532 -29.55 -20.08 -2.28
C MET B 532 -30.60 -19.02 -1.99
N ILE B 533 -30.45 -17.84 -2.59
CA ILE B 533 -31.43 -16.79 -2.41
C ILE B 533 -31.94 -16.38 -3.77
N ILE B 534 -33.26 -16.32 -3.90
CA ILE B 534 -33.89 -15.93 -5.15
C ILE B 534 -34.67 -14.65 -4.85
N ILE B 535 -34.48 -13.61 -5.65
CA ILE B 535 -35.20 -12.36 -5.43
C ILE B 535 -35.86 -11.85 -6.71
N ASN B 536 -37.16 -11.57 -6.63
CA ASN B 536 -37.90 -11.05 -7.77
C ASN B 536 -38.10 -9.55 -7.60
N ARG B 537 -37.19 -8.78 -8.17
CA ARG B 537 -37.26 -7.32 -8.05
C ARG B 537 -38.15 -6.77 -9.14
N SER B 538 -39.41 -7.19 -9.12
CA SER B 538 -40.39 -6.76 -10.12
C SER B 538 -41.78 -6.68 -9.50
N ASN B 539 -42.58 -5.71 -9.90
CA ASN B 539 -43.93 -5.65 -9.34
C ASN B 539 -44.81 -6.51 -10.24
N GLU B 540 -44.60 -7.82 -10.17
CA GLU B 540 -45.33 -8.75 -11.02
C GLU B 540 -44.87 -10.15 -10.69
N ALA B 541 -45.81 -11.08 -10.58
CA ALA B 541 -45.45 -12.44 -10.27
C ALA B 541 -44.45 -12.90 -11.31
N ALA B 542 -43.43 -13.63 -10.88
CA ALA B 542 -42.39 -14.11 -11.78
C ALA B 542 -42.03 -15.57 -11.56
N GLU B 543 -41.34 -16.14 -12.53
CA GLU B 543 -40.90 -17.52 -12.46
C GLU B 543 -39.42 -17.46 -12.78
N ILE B 544 -38.61 -17.68 -11.76
CA ILE B 544 -37.17 -17.65 -11.91
C ILE B 544 -36.63 -19.07 -11.85
N PRO B 545 -35.67 -19.40 -12.72
CA PRO B 545 -35.08 -20.75 -12.74
C PRO B 545 -33.89 -20.82 -11.79
N MET B 546 -33.83 -21.88 -10.99
CA MET B 546 -32.73 -22.04 -10.05
C MET B 546 -32.02 -23.37 -10.21
N PRO B 547 -30.73 -23.33 -10.54
CA PRO B 547 -29.93 -24.54 -10.71
C PRO B 547 -29.72 -25.23 -9.36
N ILE B 548 -29.74 -26.55 -9.36
CA ILE B 548 -29.50 -27.31 -8.15
C ILE B 548 -28.30 -28.21 -8.41
N ASP B 549 -27.35 -28.25 -7.48
CA ASP B 549 -26.16 -29.08 -7.66
C ASP B 549 -26.49 -30.57 -7.70
N ALA B 550 -25.72 -31.32 -8.48
CA ALA B 550 -25.96 -32.74 -8.60
C ALA B 550 -26.06 -33.40 -7.21
N ARG B 551 -24.95 -33.41 -6.47
CA ARG B 551 -24.89 -34.02 -5.13
C ARG B 551 -26.08 -33.66 -4.21
N GLY B 552 -26.78 -32.58 -4.51
CA GLY B 552 -27.89 -32.16 -3.69
C GLY B 552 -28.89 -33.26 -3.40
N LYS B 553 -29.10 -33.56 -2.12
CA LYS B 553 -30.06 -34.58 -1.73
C LYS B 553 -31.37 -33.90 -1.41
N TRP B 554 -31.32 -32.93 -0.51
CA TRP B 554 -32.50 -32.19 -0.11
C TRP B 554 -32.48 -30.76 -0.63
N LEU B 555 -33.55 -30.04 -0.33
CA LEU B 555 -33.68 -28.66 -0.74
C LEU B 555 -34.68 -28.15 0.27
N VAL B 556 -34.20 -27.44 1.29
CA VAL B 556 -35.10 -26.96 2.34
C VAL B 556 -35.34 -25.46 2.40
N ASN B 557 -36.60 -25.11 2.59
CA ASN B 557 -36.96 -23.72 2.68
C ASN B 557 -36.58 -23.27 4.09
N LEU B 558 -35.91 -22.13 4.20
CA LEU B 558 -35.49 -21.64 5.49
C LEU B 558 -36.59 -21.00 6.31
N LEU B 559 -37.56 -20.35 5.67
CA LEU B 559 -38.63 -19.70 6.43
C LEU B 559 -40.00 -20.34 6.24
N THR B 560 -40.02 -21.63 5.95
CA THR B 560 -41.26 -22.37 5.74
C THR B 560 -41.05 -23.77 6.26
N GLY B 561 -39.81 -24.25 6.15
CA GLY B 561 -39.49 -25.57 6.63
C GLY B 561 -39.77 -26.63 5.58
N GLU B 562 -40.61 -26.28 4.61
CA GLU B 562 -40.97 -27.21 3.54
C GLU B 562 -39.67 -27.78 2.99
N ARG B 563 -39.60 -29.10 2.85
CA ARG B 563 -38.40 -29.74 2.34
C ARG B 563 -38.75 -30.73 1.26
N PHE B 564 -37.99 -30.73 0.17
CA PHE B 564 -38.26 -31.67 -0.91
C PHE B 564 -37.04 -32.18 -1.64
N ALA B 565 -37.16 -33.40 -2.15
CA ALA B 565 -36.07 -34.04 -2.88
C ALA B 565 -35.61 -33.20 -4.05
N ALA B 566 -34.29 -33.11 -4.19
CA ALA B 566 -33.66 -32.35 -5.27
C ALA B 566 -34.14 -32.93 -6.60
N GLU B 567 -33.54 -34.06 -6.98
CA GLU B 567 -33.86 -34.77 -8.22
C GLU B 567 -34.31 -33.91 -9.40
N ALA B 568 -33.37 -33.21 -10.03
CA ALA B 568 -33.72 -32.38 -11.18
C ALA B 568 -32.57 -31.53 -11.67
N GLU B 569 -32.67 -31.09 -12.91
CA GLU B 569 -31.67 -30.24 -13.53
C GLU B 569 -31.83 -28.84 -12.93
N THR B 570 -33.06 -28.32 -13.00
CA THR B 570 -33.40 -27.00 -12.51
C THR B 570 -34.69 -27.04 -11.67
N LEU B 571 -34.98 -25.93 -11.00
CA LEU B 571 -36.19 -25.79 -10.19
C LEU B 571 -36.79 -24.43 -10.48
N CYS B 572 -37.84 -24.41 -11.30
CA CYS B 572 -38.45 -23.13 -11.60
C CYS B 572 -39.19 -22.70 -10.34
N VAL B 573 -38.75 -21.57 -9.76
CA VAL B 573 -39.37 -21.03 -8.54
C VAL B 573 -40.33 -19.89 -8.90
N SER B 574 -41.58 -19.99 -8.45
CA SER B 574 -42.56 -18.95 -8.73
C SER B 574 -42.73 -18.01 -7.55
N LEU B 575 -42.52 -16.72 -7.78
CA LEU B 575 -42.64 -15.77 -6.70
C LEU B 575 -43.58 -14.62 -7.01
N PRO B 576 -44.22 -14.06 -5.96
CA PRO B 576 -45.15 -12.95 -6.08
C PRO B 576 -44.35 -11.69 -6.24
N PRO B 577 -44.99 -10.63 -6.72
CA PRO B 577 -44.30 -9.35 -6.94
C PRO B 577 -43.46 -8.91 -5.74
N TYR B 578 -42.17 -8.69 -5.98
CA TYR B 578 -41.23 -8.28 -4.95
C TYR B 578 -41.02 -9.39 -3.93
N GLY B 579 -41.17 -10.62 -4.41
CA GLY B 579 -41.02 -11.80 -3.56
C GLY B 579 -39.58 -12.29 -3.37
N PHE B 580 -39.41 -13.22 -2.45
CA PHE B 580 -38.08 -13.75 -2.16
C PHE B 580 -38.18 -15.11 -1.48
N VAL B 581 -37.14 -15.92 -1.64
CA VAL B 581 -37.15 -17.23 -1.04
C VAL B 581 -35.75 -17.73 -0.77
N LEU B 582 -35.53 -18.25 0.43
CA LEU B 582 -34.22 -18.79 0.80
C LEU B 582 -34.23 -20.31 0.83
N TYR B 583 -33.35 -20.92 0.04
CA TYR B 583 -33.27 -22.37 -0.01
C TYR B 583 -31.93 -22.87 0.53
N ALA B 584 -32.00 -23.86 1.40
CA ALA B 584 -30.79 -24.48 1.94
C ALA B 584 -30.74 -25.77 1.12
N VAL B 585 -29.61 -26.03 0.49
CA VAL B 585 -29.47 -27.22 -0.32
C VAL B 585 -28.67 -28.27 0.40
N GLU B 586 -29.38 -29.15 1.12
CA GLU B 586 -28.73 -30.22 1.85
C GLU B 586 -28.26 -31.19 0.76
N SER B 587 -27.16 -31.91 0.99
CA SER B 587 -26.64 -32.80 -0.03
C SER B 587 -25.75 -33.92 0.46
N TRP B 588 -26.14 -35.16 0.18
CA TRP B 588 -25.31 -36.30 0.58
C TRP B 588 -24.44 -36.73 -0.58
C1 GLC C . 21.20 -20.21 -7.71
C2 GLC C . 20.97 -19.62 -9.14
C3 GLC C . 20.90 -18.07 -9.10
C4 GLC C . 19.80 -17.56 -8.10
C5 GLC C . 19.91 -18.30 -6.73
C6 GLC C . 18.68 -18.11 -5.83
O2 GLC C . 22.00 -20.02 -10.05
O3 GLC C . 20.68 -17.55 -10.39
O4 GLC C . 20.03 -16.13 -7.89
O5 GLC C . 20.09 -19.76 -6.88
O6 GLC C . 18.65 -19.04 -4.74
C1 GLC C . 18.90 -15.39 -8.24
C2 GLC C . 19.78 -14.18 -8.75
C3 GLC C . 20.46 -13.46 -7.55
C4 GLC C . 19.36 -12.95 -6.57
C5 GLC C . 18.51 -14.18 -6.11
C6 GLC C . 17.36 -13.76 -5.16
O2 GLC C . 20.77 -14.63 -9.68
O3 GLC C . 21.26 -12.36 -8.01
O4 GLC C . 20.24 -12.32 -5.59
O5 GLC C . 17.93 -14.87 -7.27
O6 GLC C . 16.61 -12.72 -5.82
C1 GLC C . 20.00 -11.02 -4.81
C2 GLC C . 20.94 -9.83 -4.64
C3 GLC C . 22.08 -10.12 -3.65
C4 GLC C . 21.56 -10.68 -2.32
C5 GLC C . 20.48 -11.79 -2.50
C6 GLC C . 19.67 -12.08 -1.27
O2 GLC C . 21.48 -9.46 -5.90
O3 GLC C . 22.78 -8.91 -3.40
O4 GLC C . 22.56 -11.45 -1.69
O5 GLC C . 19.50 -11.37 -3.51
O6 GLC C . 18.77 -13.10 -1.69
C1 GLC C . 22.89 -10.79 -0.48
C2 GLC C . 24.38 -10.30 -0.56
C3 GLC C . 25.29 -11.52 -0.73
C4 GLC C . 25.09 -12.47 0.46
C5 GLC C . 23.60 -12.91 0.53
C6 GLC C . 23.32 -13.82 1.74
O2 GLC C . 24.55 -9.40 -1.63
O3 GLC C . 26.65 -11.12 -0.81
O4 GLC C . 25.93 -13.62 0.31
O5 GLC C . 22.73 -11.73 0.63
O6 GLC C . 23.61 -13.13 2.96
C1 GLC C . 27.01 -13.87 1.00
C2 GLC C . 28.35 -14.07 0.28
C3 GLC C . 28.17 -15.18 -0.77
C4 GLC C . 27.66 -16.49 -0.09
C5 GLC C . 26.36 -16.22 0.72
C6 GLC C . 25.88 -17.41 1.57
O2 GLC C . 28.79 -12.86 -0.34
O3 GLC C . 29.37 -15.43 -1.47
O4 GLC C . 27.33 -17.33 -1.15
O5 GLC C . 26.54 -15.07 1.63
O6 GLC C . 26.59 -17.52 2.80
C1 GLC C . 27.83 -18.69 -1.11
C2 GLC C . 28.72 -19.04 -2.33
C3 GLC C . 27.83 -18.96 -3.61
C4 GLC C . 26.64 -19.98 -3.49
C5 GLC C . 25.82 -19.67 -2.19
C6 GLC C . 24.75 -20.72 -1.87
O2 GLC C . 29.81 -18.13 -2.43
O3 GLC C . 28.58 -19.25 -4.78
O4 GLC C . 25.81 -19.88 -4.67
O5 GLC C . 26.74 -19.65 -1.03
O6 GLC C . 25.22 -22.09 -1.88
C1 GLC C . 25.66 -21.16 -5.38
C2 GLC C . 25.66 -20.88 -6.90
C3 GLC C . 24.41 -20.07 -7.31
C4 GLC C . 23.14 -20.84 -6.90
C5 GLC C . 23.17 -21.11 -5.35
C6 GLC C . 21.99 -21.92 -4.83
O2 GLC C . 26.87 -20.20 -7.28
O3 GLC C . 24.41 -19.82 -8.71
O4 GLC C . 22.03 -19.87 -7.15
O5 GLC C . 24.42 -21.82 -4.98
O6 GLC C . 21.66 -21.56 -3.46
C1 GLC D . -23.54 19.22 1.37
C2 GLC D . -24.27 18.12 0.56
C3 GLC D . -23.90 16.71 1.07
C4 GLC D . -22.36 16.46 1.06
C5 GLC D . -21.64 17.65 1.79
C6 GLC D . -20.13 17.67 1.61
O2 GLC D . -25.68 18.30 0.59
O3 GLC D . -24.58 15.72 0.28
O4 GLC D . -22.10 15.18 1.74
O5 GLC D . -22.11 18.97 1.32
O6 GLC D . -19.45 16.74 2.47
C1 GLC D . -21.20 14.37 1.01
C2 GLC D . -22.08 13.07 1.18
C3 GLC D . -22.03 12.56 2.65
C4 GLC D . -20.55 12.28 3.03
C5 GLC D . -19.72 13.58 2.83
C6 GLC D . -18.20 13.40 3.14
O2 GLC D . -23.42 13.30 0.79
O3 GLC D . -22.83 11.39 2.81
O4 GLC D . -20.79 11.84 4.42
O5 GLC D . -19.84 14.07 1.45
O6 GLC D . -17.89 11.99 3.02
C1 GLC D . -19.93 10.90 5.27
C2 GLC D . -20.38 9.82 6.27
C3 GLC D . -20.85 10.43 7.62
C4 GLC D . -19.82 11.45 8.17
C5 GLC D . -19.28 12.45 7.09
C6 GLC D . -18.02 13.18 7.51
O2 GLC D . -21.41 9.04 5.72
O3 GLC D . -21.00 9.38 8.57
O4 GLC D . -20.45 12.38 9.02
O5 GLC D . -18.90 11.70 5.88
O6 GLC D . -17.72 14.02 6.40
C1 GLC D . -19.95 12.11 10.31
C2 GLC D . -21.16 11.85 11.26
C3 GLC D . -22.04 13.11 11.32
C4 GLC D . -21.19 14.28 11.83
C5 GLC D . -19.99 14.50 10.88
C6 GLC D . -19.06 15.63 11.36
O2 GLC D . -21.90 10.73 10.80
O3 GLC D . -23.15 12.89 12.17
O4 GLC D . -21.98 15.48 11.88
O5 GLC D . -19.20 13.27 10.78
O6 GLC D . -18.60 15.35 12.70
C1 GLC D . -22.44 16.05 12.95
C2 GLC D . -23.95 16.23 13.12
C3 GLC D . -24.47 16.99 11.90
C4 GLC D . -23.73 18.36 11.75
C5 GLC D . -22.20 18.15 11.69
C6 GLC D . -21.36 19.44 11.73
O2 GLC D . -24.60 14.97 13.24
O3 GLC D . -25.86 17.18 11.99
O4 GLC D . -24.11 18.89 10.51
O5 GLC D . -21.75 17.30 12.81
O6 GLC D . -22.06 20.56 12.27
C1 GLC D . -25.15 19.91 10.49
C2 GLC D . -26.27 19.58 9.48
C3 GLC D . -25.67 19.62 8.07
C4 GLC D . -25.08 21.02 7.75
C5 GLC D . -24.02 21.40 8.84
C6 GLC D . -23.55 22.85 8.77
O2 GLC D . -26.82 18.30 9.75
O3 GLC D . -26.65 19.28 7.10
O4 GLC D . -24.48 20.95 6.43
O5 GLC D . -24.62 21.23 10.19
O6 GLC D . -22.69 23.17 7.65
C1 GLC D . -24.87 22.00 5.46
C2 GLC D . -26.00 21.45 4.54
C3 GLC D . -25.48 20.21 3.75
C4 GLC D . -24.24 20.61 2.91
C5 GLC D . -23.14 21.23 3.85
C6 GLC D . -21.89 21.74 3.09
O2 GLC D . -27.14 21.10 5.32
O3 GLC D . -26.48 19.68 2.92
O4 GLC D . -23.72 19.30 2.42
O5 GLC D . -23.69 22.34 4.66
O6 GLC D . -20.76 21.97 3.97
#